data_5E5R
#
_entry.id   5E5R
#
_cell.length_a   74.138
_cell.length_b   90.526
_cell.length_c   147.448
_cell.angle_alpha   90.000
_cell.angle_beta   90.000
_cell.angle_gamma   90.000
#
_symmetry.space_group_name_H-M   'P 21 21 2'
#
loop_
_entity.id
_entity.type
_entity.pdbx_description
1 polymer 'Receptor-type tyrosine-protein phosphatase gamma'
2 polymer Contactin-3
3 non-polymer 'MALONATE ION'
4 non-polymer 'FORMIC ACID'
5 water water
#
loop_
_entity_poly.entity_id
_entity_poly.type
_entity_poly.pdbx_seq_one_letter_code
_entity_poly.pdbx_strand_id
1 'polypeptide(L)'
;GDPYWAYSGAYGPEHWVTSSVSCGGRHQSPIDILDQYARVGEEYQELQLDGFDNESSNKTWMKNTGKTVAILLKDDYFVS
GAGLPGRFKAEKVEFHWGHSNGSAGSEHSINGRRFPVEMQIFFYNPDDFDSFQTAISENRIIGAMAIFFQVSPRDNSALD
PIIHGLKGVVHHEKETFLDPFVLRDLLPASLGSYYRYTGSLTTPPCSEIVEWIVFRRPVPISYHQLEAFYSIFTTEQQDH
VKSVEYLRNNFRPQQRLHDRVVSKS
;
A,C
2 'polypeptide(L)'
;FKTRMRSTVSVREGQGVVLLCGPPPHSGELSYAWVFNEYPSFVEEDSRRFVSQETGHLYIAKVEPSDVGNYTCVVTSTVT
NTRVLGSPTPLVLRSDGVMGEYEPKIEVQFPETLPAAKGSTVRLECFALGNPVPQINWRRSDGMPFPNKIKLRKFNGMLE
IQNFQQEDTGSYECIAENSRGKNVARGRLTYYA
;
B,D
#
# COMPACT_ATOMS: atom_id res chain seq x y z
N GLY A 1 -16.44 19.57 -1.33
CA GLY A 1 -16.33 20.24 -0.04
C GLY A 1 -15.22 19.67 0.83
N ASP A 2 -14.19 20.48 1.10
CA ASP A 2 -13.05 20.04 1.89
C ASP A 2 -12.94 20.76 3.23
N PRO A 3 -12.58 20.01 4.28
CA PRO A 3 -12.48 20.55 5.64
C PRO A 3 -11.41 21.62 5.76
N TYR A 4 -11.75 22.74 6.37
CA TYR A 4 -10.80 23.81 6.58
C TYR A 4 -9.73 23.36 7.56
N TRP A 5 -8.48 23.61 7.21
CA TRP A 5 -7.36 23.24 8.06
C TRP A 5 -6.22 24.21 7.89
N ALA A 6 -5.33 24.23 8.89
CA ALA A 6 -4.18 25.12 8.90
C ALA A 6 -3.00 24.50 9.63
N TYR A 7 -1.89 25.22 9.67
CA TYR A 7 -0.72 24.76 10.42
C TYR A 7 -0.63 25.40 11.81
N SER A 8 -1.68 26.10 12.21
CA SER A 8 -1.79 26.58 13.59
C SER A 8 -3.23 26.90 13.98
N GLY A 9 -3.44 27.10 15.26
CA GLY A 9 -4.72 27.56 15.74
C GLY A 9 -5.73 26.44 15.93
N ALA A 10 -7.01 26.82 15.95
CA ALA A 10 -8.11 25.90 16.20
C ALA A 10 -8.21 24.80 15.15
N TYR A 11 -7.49 24.98 14.04
CA TYR A 11 -7.49 23.99 12.97
C TYR A 11 -6.06 23.56 12.63
N GLY A 12 -5.15 23.79 13.57
CA GLY A 12 -3.78 23.30 13.42
C GLY A 12 -3.75 21.79 13.51
N PRO A 13 -2.61 21.19 13.13
CA PRO A 13 -2.37 19.73 13.03
C PRO A 13 -3.04 18.87 14.12
N GLU A 14 -2.94 19.28 15.38
CA GLU A 14 -3.47 18.49 16.50
C GLU A 14 -4.99 18.51 16.55
N HIS A 15 -5.58 19.23 15.60
CA HIS A 15 -7.03 19.32 15.51
C HIS A 15 -7.51 18.81 14.16
N TRP A 16 -6.61 18.27 13.36
CA TRP A 16 -6.99 17.74 12.05
C TRP A 16 -7.83 16.52 12.24
N VAL A 17 -7.48 15.72 13.26
CA VAL A 17 -8.15 14.46 13.48
C VAL A 17 -9.65 14.67 13.69
N THR A 18 -10.03 15.81 14.25
CA THR A 18 -11.44 16.01 14.56
C THR A 18 -12.27 16.21 13.29
N SER A 19 -11.69 16.79 12.23
CA SER A 19 -12.43 16.90 10.97
C SER A 19 -12.03 15.83 9.94
N SER A 20 -10.79 15.37 10.00
CA SER A 20 -10.31 14.33 9.08
C SER A 20 -9.98 13.05 9.83
N VAL A 21 -10.89 12.08 9.82
CA VAL A 21 -10.75 10.92 10.69
C VAL A 21 -9.44 10.18 10.47
N SER A 22 -8.96 10.16 9.23
CA SER A 22 -7.74 9.44 8.90
C SER A 22 -6.48 10.03 9.54
N CYS A 23 -6.54 11.30 9.92
CA CYS A 23 -5.39 11.97 10.52
C CYS A 23 -5.04 11.41 11.91
N GLY A 24 -5.96 10.67 12.51
CA GLY A 24 -5.74 10.14 13.85
C GLY A 24 -5.35 8.68 13.91
N GLY A 25 -4.81 8.15 12.82
CA GLY A 25 -4.44 6.76 12.75
C GLY A 25 -2.97 6.48 12.99
N ARG A 26 -2.58 5.25 12.72
CA ARG A 26 -1.18 4.84 12.76
C ARG A 26 -0.69 4.62 11.34
N HIS A 27 0.64 4.63 11.17
CA HIS A 27 1.28 4.72 9.86
C HIS A 27 1.05 6.09 9.23
N GLN A 28 1.20 7.13 10.05
CA GLN A 28 1.05 8.51 9.59
C GLN A 28 2.41 9.16 9.32
N SER A 29 2.46 10.10 8.39
CA SER A 29 3.70 10.80 8.07
C SER A 29 3.56 12.28 8.45
N PRO A 30 4.67 12.97 8.72
CA PRO A 30 6.04 12.45 8.67
C PRO A 30 6.42 11.72 9.95
N ILE A 31 7.62 11.16 9.95
CA ILE A 31 8.15 10.54 11.13
C ILE A 31 9.61 10.90 11.29
N ASP A 32 10.21 10.41 12.36
CA ASP A 32 11.62 10.64 12.61
C ASP A 32 12.39 9.36 12.33
N ILE A 33 13.09 9.34 11.21
CA ILE A 33 13.89 8.18 10.85
C ILE A 33 15.12 8.11 11.71
N LEU A 34 15.30 6.97 12.37
CA LEU A 34 16.46 6.68 13.21
C LEU A 34 17.47 5.84 12.46
N ASP A 35 18.66 6.40 12.22
CA ASP A 35 19.63 5.78 11.34
C ASP A 35 20.33 4.60 12.01
N GLN A 36 20.38 4.61 13.33
CA GLN A 36 21.01 3.56 14.12
C GLN A 36 20.25 2.23 14.01
N TYR A 37 18.94 2.32 13.81
CA TYR A 37 18.08 1.15 13.74
C TYR A 37 17.50 0.97 12.34
N ALA A 38 18.25 1.40 11.33
CA ALA A 38 17.78 1.37 9.94
C ALA A 38 18.07 0.05 9.22
N ARG A 39 17.30 -0.21 8.16
CA ARG A 39 17.39 -1.42 7.33
C ARG A 39 17.10 -2.71 8.11
N GLU A 46 17.44 -1.69 -7.27
CA GLU A 46 17.91 -0.33 -7.01
C GLU A 46 17.13 0.72 -7.85
N LEU A 47 17.12 1.97 -7.39
CA LEU A 47 16.36 3.08 -8.02
C LEU A 47 16.70 3.37 -9.49
N GLN A 48 15.67 3.52 -10.33
CA GLN A 48 15.86 3.86 -11.75
C GLN A 48 14.95 4.99 -12.21
N LEU A 49 15.54 6.14 -12.55
CA LEU A 49 14.77 7.35 -12.89
C LEU A 49 14.70 7.61 -14.38
N ASP A 50 13.49 7.65 -14.93
CA ASP A 50 13.31 7.86 -16.35
C ASP A 50 12.83 9.28 -16.65
N GLY A 51 13.63 10.04 -17.40
CA GLY A 51 13.24 11.38 -17.82
C GLY A 51 13.67 12.53 -16.91
N PHE A 52 14.27 12.21 -15.77
CA PHE A 52 14.71 13.21 -14.80
C PHE A 52 15.84 14.07 -15.36
N ASP A 53 16.51 13.53 -16.37
CA ASP A 53 17.65 14.18 -17.00
C ASP A 53 17.24 15.15 -18.09
N ASN A 54 15.94 15.39 -18.22
CA ASN A 54 15.40 16.21 -19.29
C ASN A 54 15.09 17.61 -18.81
N GLU A 55 15.15 18.59 -19.71
CA GLU A 55 14.76 19.94 -19.35
C GLU A 55 13.24 20.02 -19.36
N SER A 56 12.67 20.61 -18.31
CA SER A 56 11.21 20.66 -18.17
C SER A 56 10.57 21.54 -19.24
N SER A 57 9.27 21.38 -19.42
CA SER A 57 8.52 22.13 -20.42
C SER A 57 8.25 23.55 -19.95
N ASN A 58 8.03 24.45 -20.90
CA ASN A 58 7.64 25.82 -20.55
C ASN A 58 6.17 25.87 -20.18
N LYS A 59 5.53 24.69 -20.20
CA LYS A 59 4.12 24.51 -19.82
C LYS A 59 4.01 23.97 -18.39
N THR A 60 5.13 23.53 -17.85
CA THR A 60 5.23 23.19 -16.44
C THR A 60 5.09 24.47 -15.63
N TRP A 61 4.16 24.51 -14.68
CA TRP A 61 3.85 25.75 -13.99
C TRP A 61 3.79 25.59 -12.45
N MET A 62 3.74 26.73 -11.76
CA MET A 62 3.80 26.80 -10.29
C MET A 62 2.60 27.54 -9.69
N LYS A 63 2.17 27.14 -8.49
CA LYS A 63 1.00 27.74 -7.87
C LYS A 63 1.14 27.89 -6.38
N ASN A 64 0.78 29.06 -5.86
CA ASN A 64 0.70 29.23 -4.42
C ASN A 64 -0.66 28.74 -3.96
N THR A 65 -0.70 27.63 -3.23
CA THR A 65 -2.00 27.06 -2.81
C THR A 65 -2.45 27.61 -1.48
N GLY A 66 -1.65 28.49 -0.88
CA GLY A 66 -1.97 28.97 0.45
C GLY A 66 -1.48 28.04 1.56
N LYS A 67 -1.22 26.79 1.23
CA LYS A 67 -0.64 25.87 2.20
C LYS A 67 0.79 25.53 1.84
N THR A 68 1.07 25.49 0.54
CA THR A 68 2.42 25.29 0.04
C THR A 68 2.57 26.02 -1.29
N VAL A 69 3.67 25.73 -1.96
CA VAL A 69 3.88 26.12 -3.34
C VAL A 69 3.94 24.82 -4.12
N ALA A 70 3.06 24.69 -5.10
CA ALA A 70 2.96 23.45 -5.87
C ALA A 70 3.49 23.61 -7.31
N ILE A 71 4.17 22.58 -7.79
CA ILE A 71 4.67 22.58 -9.15
C ILE A 71 3.97 21.46 -9.91
N LEU A 72 3.08 21.81 -10.83
CA LEU A 72 2.42 20.84 -11.68
C LEU A 72 3.31 20.40 -12.84
N LEU A 73 3.81 19.18 -12.78
CA LEU A 73 4.77 18.75 -13.80
C LEU A 73 4.01 18.36 -15.06
N LYS A 74 4.47 18.87 -16.20
CA LYS A 74 3.80 18.60 -17.49
C LYS A 74 4.72 17.89 -18.48
N ASP A 75 5.65 17.10 -17.94
CA ASP A 75 6.50 16.20 -18.71
C ASP A 75 6.50 14.84 -18.03
N ASP A 76 6.98 13.81 -18.73
CA ASP A 76 6.90 12.44 -18.22
C ASP A 76 8.12 12.03 -17.43
N TYR A 77 7.94 11.89 -16.12
CA TYR A 77 9.03 11.45 -15.25
C TYR A 77 8.63 10.12 -14.60
N PHE A 78 9.55 9.16 -14.55
CA PHE A 78 9.22 7.89 -13.92
C PHE A 78 10.25 7.48 -12.87
N VAL A 79 9.80 6.64 -11.93
CA VAL A 79 10.71 6.09 -10.94
C VAL A 79 10.38 4.62 -10.70
N SER A 80 11.41 3.79 -10.84
CA SER A 80 11.26 2.36 -10.70
C SER A 80 12.28 1.83 -9.70
N GLY A 81 11.94 0.75 -9.01
CA GLY A 81 12.88 0.09 -8.12
C GLY A 81 12.61 0.40 -6.67
N ALA A 82 13.64 0.22 -5.84
CA ALA A 82 13.57 0.60 -4.43
C ALA A 82 12.40 -0.05 -3.69
N GLY A 83 11.92 -1.16 -4.22
CA GLY A 83 10.87 -1.92 -3.57
C GLY A 83 9.49 -1.33 -3.78
N LEU A 84 9.32 -0.60 -4.88
CA LEU A 84 8.02 -0.03 -5.22
C LEU A 84 7.15 -1.03 -6.00
N PRO A 85 5.82 -1.02 -5.74
CA PRO A 85 4.90 -1.92 -6.45
C PRO A 85 4.70 -1.51 -7.93
N GLY A 86 5.78 -1.54 -8.71
CA GLY A 86 5.72 -1.21 -10.12
C GLY A 86 6.34 0.14 -10.43
N ARG A 87 6.16 0.62 -11.66
CA ARG A 87 6.69 1.93 -12.02
C ARG A 87 5.75 3.03 -11.54
N PHE A 88 6.30 4.20 -11.24
CA PHE A 88 5.50 5.34 -10.83
C PHE A 88 5.83 6.61 -11.61
N LYS A 89 4.79 7.34 -11.98
CA LYS A 89 4.91 8.54 -12.83
C LYS A 89 4.62 9.80 -12.04
N ALA A 90 5.53 10.78 -12.12
CA ALA A 90 5.47 11.99 -11.27
C ALA A 90 4.28 12.86 -11.61
N GLU A 91 3.64 13.44 -10.60
CA GLU A 91 2.52 14.33 -10.83
C GLU A 91 2.83 15.77 -10.47
N LYS A 92 3.31 15.97 -9.26
CA LYS A 92 3.49 17.32 -8.75
C LYS A 92 4.59 17.39 -7.71
N VAL A 93 5.03 18.61 -7.43
CA VAL A 93 6.03 18.83 -6.41
C VAL A 93 5.51 19.87 -5.41
N GLU A 94 5.70 19.63 -4.11
CA GLU A 94 5.31 20.62 -3.10
C GLU A 94 6.43 20.81 -2.07
N PHE A 95 6.44 21.97 -1.40
CA PHE A 95 7.55 22.34 -0.53
C PHE A 95 7.09 22.62 0.89
N HIS A 96 8.04 22.53 1.81
CA HIS A 96 7.82 22.83 3.23
C HIS A 96 9.01 23.57 3.81
N TRP A 97 8.77 24.77 4.34
CA TRP A 97 9.86 25.58 4.85
C TRP A 97 9.59 26.18 6.22
N GLY A 98 10.64 26.74 6.82
CA GLY A 98 10.57 27.22 8.19
C GLY A 98 10.10 28.66 8.31
N HIS A 99 10.78 29.41 9.16
CA HIS A 99 10.43 30.78 9.44
C HIS A 99 11.47 31.75 8.88
N SER A 100 12.72 31.61 9.31
CA SER A 100 13.75 32.52 8.87
C SER A 100 15.14 32.05 9.24
N ASN A 101 16.15 32.60 8.56
CA ASN A 101 17.54 32.35 8.91
C ASN A 101 17.82 30.85 8.97
N GLY A 102 17.29 30.12 7.98
CA GLY A 102 17.46 28.68 7.91
C GLY A 102 16.66 27.87 8.93
N SER A 103 15.68 28.49 9.59
CA SER A 103 14.82 27.80 10.56
C SER A 103 14.30 26.47 10.03
N ALA A 104 14.31 25.44 10.89
CA ALA A 104 13.78 24.14 10.53
C ALA A 104 12.35 24.25 10.00
N GLY A 105 12.08 23.51 8.93
CA GLY A 105 10.79 23.53 8.26
C GLY A 105 10.49 22.21 7.59
N SER A 106 11.48 21.34 7.53
CA SER A 106 11.31 20.02 6.95
C SER A 106 10.34 19.19 7.80
N GLU A 107 9.67 18.25 7.14
CA GLU A 107 8.71 17.38 7.80
C GLU A 107 9.37 16.16 8.42
N HIS A 108 10.07 15.37 7.60
CA HIS A 108 10.88 14.25 8.10
C HIS A 108 12.15 14.74 8.81
N SER A 109 12.90 13.82 9.41
CA SER A 109 14.19 14.16 10.02
C SER A 109 15.11 12.93 10.10
N ASN A 111 18.11 11.90 11.35
CA ASN A 111 17.37 11.94 12.60
C ASN A 111 17.48 13.26 13.34
N GLY A 112 16.33 13.76 13.80
CA GLY A 112 16.27 14.89 14.72
C GLY A 112 16.77 16.18 14.12
N ARG A 113 17.84 16.04 13.36
CA ARG A 113 18.36 17.05 12.45
C ARG A 113 17.32 17.39 11.38
N ARG A 114 16.71 18.56 11.53
CA ARG A 114 15.79 19.05 10.53
C ARG A 114 16.52 20.02 9.61
N PHE A 115 15.92 20.29 8.46
CA PHE A 115 16.54 21.10 7.44
C PHE A 115 15.60 22.26 7.11
N PRO A 116 16.15 23.35 6.58
CA PRO A 116 15.34 24.55 6.30
C PRO A 116 14.16 24.28 5.37
N VAL A 117 14.34 23.34 4.45
CA VAL A 117 13.35 23.07 3.42
C VAL A 117 13.29 21.58 3.13
N GLU A 118 12.08 21.03 2.98
CA GLU A 118 11.91 19.67 2.48
C GLU A 118 11.05 19.73 1.23
N MET A 119 11.48 19.05 0.18
CA MET A 119 10.67 19.01 -1.04
C MET A 119 10.10 17.60 -1.24
N GLN A 120 8.87 17.55 -1.73
CA GLN A 120 8.17 16.29 -1.95
C GLN A 120 7.72 16.18 -3.40
N ILE A 121 8.05 15.05 -4.04
CA ILE A 121 7.58 14.75 -5.39
C ILE A 121 6.57 13.61 -5.31
N PHE A 122 5.37 13.82 -5.83
CA PHE A 122 4.32 12.79 -5.74
C PHE A 122 4.07 12.08 -7.06
N PHE A 123 3.81 10.78 -6.94
CA PHE A 123 3.70 9.87 -8.07
C PHE A 123 2.43 9.05 -8.02
N TYR A 124 2.10 8.43 -9.14
CA TYR A 124 1.05 7.42 -9.17
C TYR A 124 1.49 6.34 -10.13
N ASN A 125 0.79 5.20 -10.15
CA ASN A 125 1.10 4.15 -11.12
C ASN A 125 0.13 4.21 -12.29
N PRO A 126 0.63 4.60 -13.47
CA PRO A 126 -0.22 4.80 -14.66
C PRO A 126 -0.50 3.51 -15.41
N ASP A 127 0.13 2.43 -14.98
CA ASP A 127 -0.12 1.12 -15.56
C ASP A 127 -1.50 0.62 -15.17
N ASP A 128 -2.05 1.17 -14.09
CA ASP A 128 -3.36 0.78 -13.60
C ASP A 128 -4.18 2.01 -13.16
N PHE A 129 -3.77 3.19 -13.63
CA PHE A 129 -4.57 4.40 -13.46
C PHE A 129 -4.29 5.45 -14.53
N ASP A 130 -5.21 6.40 -14.68
CA ASP A 130 -5.20 7.34 -15.79
C ASP A 130 -4.75 8.73 -15.36
N SER A 131 -4.96 9.04 -14.09
CA SER A 131 -4.53 10.31 -13.55
C SER A 131 -4.31 10.18 -12.05
N PHE A 132 -3.45 11.04 -11.53
CA PHE A 132 -3.17 11.10 -10.11
C PHE A 132 -4.44 11.25 -9.29
N GLN A 133 -5.27 12.19 -9.72
CA GLN A 133 -6.50 12.54 -9.02
C GLN A 133 -7.52 11.42 -8.98
N THR A 134 -7.40 10.46 -9.88
CA THR A 134 -8.25 9.27 -9.84
C THR A 134 -7.72 8.35 -8.75
N ALA A 135 -6.40 8.29 -8.64
CA ALA A 135 -5.72 7.43 -7.68
C ALA A 135 -6.07 7.82 -6.25
N ILE A 136 -6.08 9.13 -6.02
CA ILE A 136 -6.39 9.69 -4.71
C ILE A 136 -7.83 9.36 -4.32
N SER A 137 -8.77 9.69 -5.20
CA SER A 137 -10.19 9.39 -5.01
C SER A 137 -10.45 7.93 -4.72
N GLU A 138 -9.61 7.05 -5.25
CA GLU A 138 -9.86 5.62 -5.12
C GLU A 138 -9.06 4.98 -3.97
N ASN A 139 -8.36 5.81 -3.21
CA ASN A 139 -7.52 5.37 -2.09
C ASN A 139 -6.59 4.23 -2.47
N ARG A 140 -5.78 4.49 -3.49
CA ARG A 140 -4.81 3.51 -3.94
C ARG A 140 -3.40 4.01 -3.63
N ILE A 141 -2.40 3.15 -3.84
CA ILE A 141 -1.05 3.46 -3.40
C ILE A 141 -0.40 4.50 -4.30
N ILE A 142 0.20 5.52 -3.70
CA ILE A 142 0.99 6.47 -4.46
C ILE A 142 2.40 6.53 -3.89
N GLY A 143 3.35 7.00 -4.70
CA GLY A 143 4.72 7.13 -4.26
C GLY A 143 5.06 8.56 -3.92
N ALA A 144 5.98 8.76 -2.99
CA ALA A 144 6.47 10.11 -2.73
C ALA A 144 7.94 10.12 -2.37
N MET A 145 8.64 11.07 -2.96
CA MET A 145 10.02 11.33 -2.61
C MET A 145 10.08 12.46 -1.60
N ALA A 146 11.06 12.43 -0.73
CA ALA A 146 11.32 13.56 0.15
C ALA A 146 12.79 13.92 0.00
N ILE A 147 13.02 15.17 -0.39
CA ILE A 147 14.37 15.62 -0.64
C ILE A 147 14.68 16.80 0.27
N PHE A 148 15.73 16.66 1.09
CA PHE A 148 16.12 17.71 2.01
C PHE A 148 16.98 18.77 1.32
N PHE A 149 16.74 20.02 1.66
CA PHE A 149 17.65 21.09 1.25
C PHE A 149 18.39 21.55 2.49
N GLN A 150 19.72 21.72 2.34
CA GLN A 150 20.55 22.25 3.43
C GLN A 150 21.20 23.54 2.97
N VAL A 151 21.39 24.47 3.89
CA VAL A 151 22.07 25.72 3.61
C VAL A 151 23.46 25.49 3.02
N SER A 152 23.94 26.46 2.25
CA SER A 152 25.28 26.40 1.68
C SER A 152 25.80 27.81 1.44
N PRO A 153 27.14 27.98 1.46
CA PRO A 153 27.73 29.30 1.24
C PRO A 153 27.35 29.93 -0.11
N ARG A 154 27.23 29.09 -1.13
CA ARG A 154 27.05 29.56 -2.50
C ARG A 154 25.68 29.18 -3.05
N ASP A 155 25.19 30.02 -3.96
CA ASP A 155 23.95 29.76 -4.66
C ASP A 155 23.98 28.42 -5.38
N ASN A 156 22.79 27.89 -5.64
CA ASN A 156 22.62 26.68 -6.43
C ASN A 156 21.82 27.04 -7.68
N SER A 157 22.52 27.13 -8.81
CA SER A 157 21.91 27.55 -10.07
C SER A 157 20.90 26.57 -10.62
N ALA A 158 20.99 25.31 -10.17
CA ALA A 158 20.03 24.30 -10.61
C ALA A 158 18.63 24.71 -10.18
N LEU A 159 18.58 25.47 -9.08
CA LEU A 159 17.33 25.92 -8.50
C LEU A 159 16.86 27.30 -8.96
N ASP A 160 17.59 27.92 -9.90
CA ASP A 160 17.17 29.24 -10.41
C ASP A 160 15.72 29.25 -10.89
N PRO A 161 15.34 28.28 -11.74
CA PRO A 161 13.93 28.35 -12.16
C PRO A 161 12.94 28.29 -11.00
N ILE A 162 13.23 27.51 -9.96
CA ILE A 162 12.34 27.39 -8.79
C ILE A 162 12.26 28.67 -7.96
N ILE A 163 13.40 29.23 -7.58
CA ILE A 163 13.41 30.48 -6.82
C ILE A 163 12.69 31.58 -7.59
N HIS A 164 13.03 31.73 -8.86
CA HIS A 164 12.41 32.75 -9.70
C HIS A 164 10.91 32.50 -9.72
N GLY A 165 10.55 31.22 -9.68
CA GLY A 165 9.16 30.83 -9.58
C GLY A 165 8.52 31.33 -8.30
N LEU A 166 9.21 31.17 -7.18
CA LEU A 166 8.70 31.62 -5.90
C LEU A 166 8.32 33.09 -5.95
N LYS A 167 9.18 33.91 -6.55
CA LYS A 167 8.97 35.35 -6.60
C LYS A 167 7.73 35.69 -7.42
N GLY A 168 7.35 34.78 -8.31
CA GLY A 168 6.17 34.97 -9.12
C GLY A 168 4.85 34.55 -8.50
N VAL A 169 4.87 33.88 -7.34
CA VAL A 169 3.62 33.42 -6.71
C VAL A 169 3.51 33.76 -5.22
N VAL A 170 3.98 34.96 -4.86
CA VAL A 170 3.91 35.50 -3.50
C VAL A 170 2.56 35.29 -2.78
N HIS A 171 1.47 35.58 -3.47
CA HIS A 171 0.18 35.57 -2.82
C HIS A 171 -0.67 34.33 -3.12
N HIS A 172 -1.48 33.97 -2.13
CA HIS A 172 -2.44 32.89 -2.23
C HIS A 172 -3.18 32.97 -3.55
N GLU A 173 -3.12 31.87 -4.31
CA GLU A 173 -3.87 31.60 -5.58
C GLU A 173 -3.08 31.99 -6.82
N LYS A 174 -2.00 32.73 -6.63
CA LYS A 174 -1.19 33.17 -7.75
C LYS A 174 -0.47 32.00 -8.44
N GLU A 175 -0.38 32.10 -9.77
CA GLU A 175 0.21 31.07 -10.60
C GLU A 175 1.28 31.65 -11.53
N THR A 176 2.17 30.80 -12.06
CA THR A 176 3.15 31.22 -13.07
C THR A 176 3.74 30.00 -13.77
N PHE A 177 4.30 30.22 -14.96
CA PHE A 177 5.08 29.21 -15.65
C PHE A 177 6.54 29.24 -15.18
N LEU A 178 7.25 28.14 -15.39
CA LEU A 178 8.62 28.04 -14.93
C LEU A 178 9.59 27.91 -16.08
N ASP A 179 10.73 28.58 -15.96
CA ASP A 179 11.82 28.38 -16.90
C ASP A 179 12.26 26.91 -16.84
N PRO A 180 12.86 26.42 -17.91
CA PRO A 180 13.32 25.02 -17.91
C PRO A 180 14.21 24.69 -16.72
N PHE A 181 13.95 23.56 -16.08
CA PHE A 181 14.79 23.08 -15.00
C PHE A 181 14.97 21.59 -15.15
N VAL A 182 16.02 21.08 -14.54
CA VAL A 182 16.27 19.64 -14.60
C VAL A 182 15.96 18.97 -13.27
N LEU A 183 14.89 18.18 -13.26
CA LEU A 183 14.39 17.57 -12.03
C LEU A 183 15.44 16.74 -11.31
N ARG A 184 16.35 16.16 -12.07
CA ARG A 184 17.41 15.34 -11.49
C ARG A 184 18.27 16.15 -10.54
N ASP A 185 18.50 17.41 -10.90
CA ASP A 185 19.41 18.23 -10.12
C ASP A 185 18.67 18.89 -8.97
N LEU A 186 17.37 18.59 -8.88
CA LEU A 186 16.61 18.93 -7.70
C LEU A 186 16.71 17.79 -6.67
N LEU A 187 17.50 16.77 -7.00
CA LEU A 187 17.76 15.63 -6.11
C LEU A 187 19.20 15.70 -5.57
N PRO A 188 19.51 14.94 -4.51
CA PRO A 188 20.88 14.99 -3.97
C PRO A 188 21.94 14.55 -4.98
N ALA A 189 23.15 15.04 -4.80
CA ALA A 189 24.27 14.63 -5.63
C ALA A 189 24.43 13.13 -5.57
N SER A 190 24.26 12.58 -4.37
CA SER A 190 24.33 11.15 -4.14
C SER A 190 22.96 10.54 -3.89
N LEU A 191 22.45 9.78 -4.85
CA LEU A 191 21.13 9.17 -4.71
C LEU A 191 21.21 7.86 -3.92
N GLY A 192 22.43 7.36 -3.76
CA GLY A 192 22.67 6.07 -3.15
C GLY A 192 22.03 5.81 -1.79
N SER A 193 22.25 6.73 -0.85
CA SER A 193 21.74 6.55 0.51
C SER A 193 20.34 7.15 0.66
N TYR A 194 19.35 6.30 0.91
CA TYR A 194 17.98 6.74 1.16
C TYR A 194 17.26 5.75 2.09
N TYR A 195 16.01 6.04 2.41
CA TYR A 195 15.23 5.17 3.28
C TYR A 195 13.87 4.85 2.68
N ARG A 196 13.16 3.89 3.26
CA ARG A 196 11.84 3.50 2.76
C ARG A 196 10.91 3.11 3.90
N TYR A 197 9.65 3.53 3.79
CA TYR A 197 8.61 3.11 4.70
C TYR A 197 7.21 3.43 4.17
N THR A 198 6.20 2.89 4.85
CA THR A 198 4.80 3.13 4.53
C THR A 198 4.21 4.26 5.37
N GLY A 199 3.59 5.23 4.71
CA GLY A 199 3.03 6.34 5.43
C GLY A 199 1.71 6.85 4.88
N SER A 200 1.54 8.15 4.98
CA SER A 200 0.31 8.80 4.58
C SER A 200 0.62 10.16 3.98
N LEU A 201 -0.42 10.86 3.56
CA LEU A 201 -0.28 12.26 3.18
C LEU A 201 -0.01 13.07 4.45
N THR A 202 0.83 14.09 4.32
CA THR A 202 1.19 14.88 5.49
C THR A 202 0.22 16.05 5.67
N THR A 203 -0.85 16.02 4.88
CA THR A 203 -1.95 16.97 4.96
C THR A 203 -3.25 16.22 4.99
N PRO A 204 -4.33 16.86 5.51
CA PRO A 204 -5.64 16.24 5.39
C PRO A 204 -5.93 15.94 3.93
N PRO A 205 -6.57 14.79 3.64
CA PRO A 205 -7.20 13.90 4.62
C PRO A 205 -6.25 12.94 5.33
N CYS A 206 -4.94 13.10 5.16
CA CYS A 206 -3.95 12.20 5.75
C CYS A 206 -4.15 10.74 5.35
N SER A 207 -4.61 10.53 4.12
CA SER A 207 -4.89 9.20 3.60
C SER A 207 -3.68 8.30 3.73
N GLU A 208 -3.87 7.14 4.35
CA GLU A 208 -2.75 6.24 4.63
C GLU A 208 -2.47 5.33 3.44
N ILE A 209 -1.90 5.92 2.40
CA ILE A 209 -1.78 5.27 1.09
C ILE A 209 -0.42 5.55 0.45
N VAL A 210 0.56 6.00 1.23
CA VAL A 210 1.80 6.51 0.65
C VAL A 210 3.07 5.72 0.99
N GLU A 211 3.80 5.33 -0.05
CA GLU A 211 5.14 4.74 0.08
C GLU A 211 6.19 5.81 -0.10
N TRP A 212 6.97 6.06 0.94
CA TRP A 212 7.91 7.18 0.95
C TRP A 212 9.34 6.82 0.58
N ILE A 213 10.03 7.80 0.00
CA ILE A 213 11.47 7.70 -0.19
C ILE A 213 12.16 8.95 0.34
N VAL A 214 12.96 8.80 1.37
CA VAL A 214 13.66 9.94 1.95
C VAL A 214 15.15 9.86 1.65
N PHE A 215 15.58 10.62 0.64
CA PHE A 215 17.00 10.66 0.30
C PHE A 215 17.77 11.26 1.46
N ARG A 216 18.79 10.54 1.91
CA ARG A 216 19.54 10.93 3.10
C ARG A 216 20.34 12.20 2.89
N ARG A 217 20.95 12.34 1.72
CA ARG A 217 21.78 13.50 1.45
C ARG A 217 20.92 14.67 0.97
N PRO A 218 21.30 15.91 1.35
CA PRO A 218 20.54 17.10 1.00
C PRO A 218 21.08 17.88 -0.20
N VAL A 219 20.24 18.79 -0.70
CA VAL A 219 20.57 19.66 -1.83
C VAL A 219 20.93 21.04 -1.34
N PRO A 220 22.06 21.59 -1.82
CA PRO A 220 22.46 22.92 -1.32
C PRO A 220 21.54 24.07 -1.75
N ILE A 221 21.27 25.01 -0.83
CA ILE A 221 20.64 26.31 -1.13
C ILE A 221 21.33 27.41 -0.33
N SER A 222 21.31 28.62 -0.87
CA SER A 222 21.88 29.74 -0.15
C SER A 222 20.82 30.36 0.76
N TYR A 223 21.27 31.07 1.80
CA TYR A 223 20.40 31.89 2.61
C TYR A 223 19.59 32.83 1.72
N HIS A 224 20.26 33.40 0.72
CA HIS A 224 19.62 34.28 -0.26
C HIS A 224 18.47 33.59 -1.00
N GLN A 225 18.73 32.43 -1.62
CA GLN A 225 17.68 31.65 -2.29
C GLN A 225 16.61 31.27 -1.28
N LEU A 226 17.05 30.89 -0.07
CA LEU A 226 16.14 30.55 1.01
C LEU A 226 15.10 31.65 1.28
N GLU A 227 15.46 32.91 1.03
CA GLU A 227 14.59 34.03 1.41
C GLU A 227 13.35 34.11 0.53
N ALA A 228 13.41 33.55 -0.68
CA ALA A 228 12.21 33.63 -1.52
C ALA A 228 11.11 32.73 -0.95
N PHE A 229 11.46 31.82 -0.05
CA PHE A 229 10.47 30.96 0.61
C PHE A 229 9.77 31.67 1.74
N TYR A 230 10.50 32.58 2.36
CA TYR A 230 10.01 33.29 3.51
C TYR A 230 9.23 34.51 3.09
N SER A 231 9.20 34.74 1.77
CA SER A 231 8.51 35.89 1.20
C SER A 231 7.13 35.51 0.73
N ILE A 232 6.73 34.28 1.01
CA ILE A 232 5.47 33.76 0.53
C ILE A 232 4.32 34.03 1.52
N PHE A 233 3.20 34.48 0.99
CA PHE A 233 2.07 34.80 1.83
C PHE A 233 0.94 33.81 1.65
N THR A 234 -0.03 33.88 2.53
CA THR A 234 -1.23 33.09 2.41
C THR A 234 -2.39 33.88 2.97
N THR A 235 -3.53 33.23 3.13
CA THR A 235 -4.64 33.91 3.77
C THR A 235 -5.23 33.03 4.85
N GLU A 236 -6.00 33.63 5.75
CA GLU A 236 -6.70 32.86 6.77
C GLU A 236 -8.12 33.31 6.86
N GLN A 237 -9.03 32.37 6.68
CA GLN A 237 -10.45 32.62 6.74
C GLN A 237 -10.94 32.27 8.13
N GLN A 238 -10.87 33.25 9.02
CA GLN A 238 -11.30 33.07 10.40
C GLN A 238 -12.54 33.91 10.67
N ASP A 239 -13.59 33.30 11.17
CA ASP A 239 -14.83 34.03 11.46
C ASP A 239 -15.31 34.81 10.23
N HIS A 240 -15.64 36.09 10.43
CA HIS A 240 -15.97 36.98 9.31
C HIS A 240 -14.84 37.95 9.00
N VAL A 241 -13.60 37.47 9.07
CA VAL A 241 -12.43 38.29 8.75
C VAL A 241 -11.42 37.46 8.01
N LYS A 242 -11.15 37.85 6.76
CA LYS A 242 -10.10 37.23 5.99
C LYS A 242 -8.83 38.09 6.07
N SER A 243 -7.69 37.46 6.38
CA SER A 243 -6.45 38.20 6.58
C SER A 243 -5.30 37.62 5.77
N VAL A 244 -4.37 38.50 5.42
CA VAL A 244 -3.13 38.15 4.75
C VAL A 244 -2.05 37.82 5.77
N GLU A 245 -1.41 36.67 5.61
CA GLU A 245 -0.46 36.19 6.61
C GLU A 245 0.76 35.64 5.95
N TYR A 246 1.88 35.59 6.66
CA TYR A 246 3.04 34.88 6.13
C TYR A 246 2.69 33.40 6.05
N LEU A 247 3.11 32.75 4.96
CA LEU A 247 3.07 31.30 4.90
C LEU A 247 4.42 30.81 5.36
N ARG A 248 4.48 30.34 6.59
CA ARG A 248 5.75 29.87 7.17
C ARG A 248 5.52 28.72 8.16
N ASN A 249 6.56 27.91 8.35
CA ASN A 249 6.46 26.75 9.23
C ASN A 249 5.27 25.89 8.84
N ASN A 250 5.17 25.59 7.56
CA ASN A 250 4.07 24.79 7.06
C ASN A 250 4.42 23.31 7.01
N PHE A 251 4.76 22.76 8.17
CA PHE A 251 5.11 21.35 8.30
C PHE A 251 4.26 20.69 9.36
N ARG A 252 3.93 19.41 9.15
CA ARG A 252 3.18 18.62 10.11
C ARG A 252 4.13 18.01 11.16
N PRO A 253 3.72 18.04 12.44
CA PRO A 253 4.50 17.40 13.50
C PRO A 253 4.80 15.93 13.19
N GLN A 254 5.96 15.45 13.60
CA GLN A 254 6.35 14.08 13.32
C GLN A 254 5.44 13.12 14.05
N GLN A 255 5.06 12.03 13.39
CA GLN A 255 4.12 11.07 13.95
C GLN A 255 4.85 9.91 14.60
N ARG A 256 4.09 8.93 15.06
CA ARG A 256 4.69 7.78 15.72
C ARG A 256 4.67 6.52 14.84
N LEU A 257 5.78 5.79 14.83
CA LEU A 257 5.97 4.65 13.93
C LEU A 257 5.00 3.50 14.19
N HIS A 258 4.79 3.17 15.46
CA HIS A 258 3.99 2.01 15.86
C HIS A 258 4.51 0.73 15.19
N ASP A 259 3.63 -0.01 14.52
CA ASP A 259 4.07 -1.26 13.86
C ASP A 259 4.73 -0.99 12.51
N ARG A 260 5.82 -0.23 12.52
CA ARG A 260 6.52 0.11 11.27
C ARG A 260 8.04 0.04 11.40
N VAL A 261 8.70 -0.39 10.34
CA VAL A 261 10.16 -0.48 10.30
C VAL A 261 10.68 0.19 9.03
N VAL A 262 11.81 0.87 9.15
CA VAL A 262 12.38 1.56 7.99
C VAL A 262 13.40 0.70 7.28
N SER A 263 13.45 0.82 5.96
CA SER A 263 14.47 0.15 5.17
C SER A 263 15.58 1.15 4.86
N LYS A 264 16.73 0.64 4.42
CA LYS A 264 17.86 1.48 4.07
C LYS A 264 18.63 0.91 2.90
N SER A 265 18.97 1.78 1.95
CA SER A 265 19.75 1.38 0.78
C SER A 265 20.62 2.53 0.31
N LYS B 2 -30.06 34.87 10.46
CA LYS B 2 -29.25 36.06 10.13
C LYS B 2 -28.39 36.52 11.32
N THR B 3 -28.93 36.39 12.53
CA THR B 3 -28.25 36.83 13.76
C THR B 3 -27.27 35.79 14.30
N ARG B 4 -26.00 36.17 14.37
CA ARG B 4 -24.95 35.31 14.91
C ARG B 4 -24.05 36.10 15.87
N MET B 5 -23.23 35.39 16.66
CA MET B 5 -22.34 36.05 17.63
C MET B 5 -20.90 36.21 17.10
N ARG B 6 -20.59 37.40 16.56
CA ARG B 6 -19.26 37.70 16.04
C ARG B 6 -18.18 37.70 17.13
N SER B 7 -17.28 36.72 17.10
CA SER B 7 -16.15 36.73 18.04
C SER B 7 -15.22 37.90 17.70
N THR B 8 -14.66 38.55 18.72
CA THR B 8 -13.70 39.62 18.48
C THR B 8 -12.47 39.07 17.79
N VAL B 9 -12.09 39.71 16.69
CA VAL B 9 -10.95 39.29 15.87
C VAL B 9 -9.74 40.20 16.06
N SER B 10 -8.59 39.62 16.33
CA SER B 10 -7.37 40.37 16.57
C SER B 10 -6.46 40.38 15.34
N VAL B 11 -6.20 41.55 14.77
CA VAL B 11 -5.32 41.66 13.60
C VAL B 11 -3.98 42.35 13.91
N ARG B 12 -3.11 42.41 12.91
CA ARG B 12 -1.80 43.05 13.02
C ARG B 12 -1.73 44.38 12.30
N GLU B 13 -0.98 45.32 12.87
CA GLU B 13 -0.66 46.58 12.20
C GLU B 13 0.11 46.31 10.90
N GLY B 14 -0.32 46.95 9.83
CA GLY B 14 0.28 46.71 8.52
C GLY B 14 -0.28 45.51 7.78
N GLN B 15 -1.28 44.85 8.36
CA GLN B 15 -1.85 43.63 7.78
C GLN B 15 -3.05 43.94 6.89
N GLY B 16 -3.08 43.30 5.72
CA GLY B 16 -4.24 43.44 4.83
C GLY B 16 -5.40 42.60 5.32
N VAL B 17 -6.60 43.19 5.33
CA VAL B 17 -7.75 42.56 5.99
C VAL B 17 -9.08 42.82 5.28
N VAL B 18 -9.94 41.82 5.28
CA VAL B 18 -11.29 41.91 4.71
C VAL B 18 -12.32 41.63 5.79
N LEU B 19 -13.33 42.49 5.91
CA LEU B 19 -14.42 42.22 6.82
C LEU B 19 -15.64 41.78 6.02
N LEU B 20 -15.96 40.49 6.08
CA LEU B 20 -17.06 39.95 5.31
C LEU B 20 -18.38 40.44 5.86
N CYS B 21 -19.34 40.70 4.98
CA CYS B 21 -20.69 41.07 5.39
C CYS B 21 -21.47 39.84 5.77
N GLY B 22 -21.76 39.01 4.77
CA GLY B 22 -22.61 37.86 4.98
C GLY B 22 -23.25 37.43 3.67
N PRO B 23 -24.42 38.01 3.35
CA PRO B 23 -25.23 37.66 2.18
C PRO B 23 -24.81 38.38 0.89
N PRO B 24 -25.23 37.87 -0.28
CA PRO B 24 -25.00 38.53 -1.58
C PRO B 24 -26.27 39.22 -2.12
N GLU B 29 -29.60 42.13 -5.55
CA GLU B 29 -29.98 43.53 -5.72
C GLU B 29 -30.07 44.28 -4.40
N LEU B 30 -28.92 44.44 -3.75
CA LEU B 30 -28.86 45.09 -2.47
C LEU B 30 -27.70 46.07 -2.46
N SER B 31 -27.72 47.01 -1.52
CA SER B 31 -26.66 48.01 -1.36
C SER B 31 -26.02 47.90 0.01
N TYR B 32 -24.73 48.13 0.10
CA TYR B 32 -24.00 47.87 1.33
C TYR B 32 -23.24 49.09 1.85
N ALA B 33 -23.20 49.23 3.17
CA ALA B 33 -22.43 50.28 3.82
C ALA B 33 -21.84 49.73 5.10
N TRP B 34 -20.78 50.35 5.59
CA TRP B 34 -20.22 49.93 6.87
C TRP B 34 -20.17 51.07 7.88
N VAL B 35 -20.82 50.88 9.01
CA VAL B 35 -20.65 51.86 10.08
C VAL B 35 -19.58 51.43 11.06
N PHE B 36 -19.07 52.42 11.77
CA PHE B 36 -17.99 52.22 12.71
C PHE B 36 -18.48 52.60 14.11
N ASN B 37 -18.31 51.67 15.05
CA ASN B 37 -18.69 51.85 16.45
C ASN B 37 -20.20 52.00 16.69
N GLU B 38 -20.83 52.93 15.98
CA GLU B 38 -22.25 53.17 16.14
C GLU B 38 -22.83 53.90 14.94
N TYR B 39 -24.16 53.81 14.82
CA TYR B 39 -24.86 54.23 13.62
C TYR B 39 -25.23 55.72 13.70
N PRO B 40 -24.92 56.49 12.63
CA PRO B 40 -24.17 56.04 11.45
C PRO B 40 -22.66 56.32 11.51
N PHE B 42 -20.52 55.78 9.55
CA PHE B 42 -20.04 55.19 8.29
C PHE B 42 -18.53 55.28 8.22
N VAL B 43 -17.92 54.26 7.62
CA VAL B 43 -16.48 54.25 7.46
C VAL B 43 -16.10 55.27 6.42
N GLU B 44 -15.09 56.04 6.75
CA GLU B 44 -14.46 56.94 5.81
C GLU B 44 -13.74 56.05 4.81
N GLU B 45 -14.23 55.97 3.57
CA GLU B 45 -13.51 55.24 2.52
C GLU B 45 -12.49 56.16 1.89
N ASP B 46 -11.39 55.57 1.45
CA ASP B 46 -10.28 56.31 0.84
C ASP B 46 -9.37 55.29 0.14
N SER B 47 -8.13 55.66 -0.16
CA SER B 47 -7.18 54.72 -0.79
C SER B 47 -6.94 53.46 0.03
N ARG B 48 -7.20 53.54 1.33
CA ARG B 48 -6.89 52.46 2.25
C ARG B 48 -8.09 51.57 2.58
N ARG B 49 -9.29 52.07 2.35
CA ARG B 49 -10.50 51.35 2.71
C ARG B 49 -11.57 51.48 1.65
N PHE B 50 -12.19 50.36 1.37
CA PHE B 50 -13.04 50.20 0.20
C PHE B 50 -14.19 49.28 0.51
N VAL B 51 -15.40 49.71 0.14
CA VAL B 51 -16.59 48.91 0.30
C VAL B 51 -17.12 48.45 -1.05
N SER B 52 -17.29 47.13 -1.20
CA SER B 52 -17.73 46.56 -2.46
C SER B 52 -19.22 46.41 -2.54
N GLN B 53 -19.81 46.89 -3.63
CA GLN B 53 -21.23 46.68 -3.86
C GLN B 53 -21.46 45.33 -4.50
N GLU B 54 -20.37 44.64 -4.81
CA GLU B 54 -20.48 43.36 -5.47
C GLU B 54 -20.41 42.20 -4.47
N THR B 55 -19.55 42.32 -3.47
CA THR B 55 -19.44 41.28 -2.45
C THR B 55 -20.04 41.73 -1.12
N GLY B 56 -20.14 43.03 -0.92
CA GLY B 56 -20.65 43.57 0.32
C GLY B 56 -19.59 43.82 1.38
N HIS B 57 -18.38 43.32 1.16
CA HIS B 57 -17.37 43.35 2.20
C HIS B 57 -16.65 44.69 2.31
N LEU B 58 -15.98 44.87 3.43
CA LEU B 58 -15.14 46.03 3.63
C LEU B 58 -13.67 45.61 3.50
N TYR B 59 -12.94 46.31 2.65
CA TYR B 59 -11.55 45.97 2.41
C TYR B 59 -10.63 47.01 2.99
N ILE B 60 -9.86 46.60 3.99
CA ILE B 60 -8.81 47.43 4.62
C ILE B 60 -7.42 46.98 4.14
N ALA B 61 -6.88 47.72 3.18
CA ALA B 61 -5.60 47.41 2.56
C ALA B 61 -4.44 47.27 3.56
N LYS B 62 -4.32 48.23 4.48
CA LYS B 62 -3.30 48.18 5.51
C LYS B 62 -3.84 48.71 6.82
N VAL B 63 -3.82 47.87 7.86
CA VAL B 63 -4.37 48.27 9.16
C VAL B 63 -3.52 49.34 9.85
N GLU B 64 -4.19 50.43 10.23
CA GLU B 64 -3.61 51.47 11.06
C GLU B 64 -4.19 51.34 12.47
N PRO B 65 -3.48 51.85 13.49
CA PRO B 65 -4.01 51.66 14.84
C PRO B 65 -5.35 52.34 15.02
N SER B 66 -5.65 53.31 14.17
CA SER B 66 -6.91 54.02 14.27
C SER B 66 -8.10 53.13 13.94
N ASP B 67 -7.85 52.02 13.26
CA ASP B 67 -8.95 51.16 12.80
C ASP B 67 -9.56 50.29 13.90
N VAL B 68 -8.93 50.26 15.07
CA VAL B 68 -9.46 49.52 16.21
C VAL B 68 -10.85 50.00 16.60
N GLY B 69 -11.82 49.09 16.59
CA GLY B 69 -13.18 49.43 16.90
C GLY B 69 -14.17 48.39 16.45
N ASN B 70 -15.45 48.76 16.51
CA ASN B 70 -16.53 47.87 16.13
C ASN B 70 -16.96 48.10 14.68
N TYR B 71 -16.97 47.05 13.86
CA TYR B 71 -17.46 47.22 12.50
C TYR B 71 -18.73 46.42 12.28
N THR B 72 -19.77 47.08 11.78
CA THR B 72 -20.99 46.35 11.46
C THR B 72 -21.52 46.75 10.08
N CYS B 73 -22.04 45.74 9.38
CA CYS B 73 -22.44 45.88 7.98
C CYS B 73 -23.94 46.07 7.82
N VAL B 74 -24.34 47.24 7.31
CA VAL B 74 -25.74 47.48 7.04
C VAL B 74 -26.08 47.21 5.58
N VAL B 75 -27.02 46.28 5.35
CA VAL B 75 -27.41 45.95 4.01
C VAL B 75 -28.84 46.45 3.72
N THR B 76 -28.99 47.25 2.66
CA THR B 76 -30.28 47.82 2.29
C THR B 76 -30.84 47.14 1.03
N SER B 77 -32.15 46.91 1.02
CA SER B 77 -32.83 46.21 -0.05
C SER B 77 -33.44 47.17 -1.08
N THR B 78 -32.88 47.17 -2.29
CA THR B 78 -33.34 48.04 -3.38
C THR B 78 -34.87 48.07 -3.52
N VAL B 79 -35.52 46.97 -3.18
CA VAL B 79 -36.98 46.89 -3.17
C VAL B 79 -37.60 47.99 -2.32
N THR B 80 -36.93 48.32 -1.22
CA THR B 80 -37.44 49.33 -0.31
C THR B 80 -36.28 50.16 0.28
N ASN B 81 -36.52 50.80 1.42
CA ASN B 81 -35.51 51.62 2.09
C ASN B 81 -35.11 50.92 3.38
N THR B 82 -35.37 49.61 3.45
CA THR B 82 -35.16 48.85 4.68
C THR B 82 -33.68 48.48 4.85
N ARG B 83 -33.14 48.84 6.01
CA ARG B 83 -31.76 48.55 6.35
C ARG B 83 -31.75 47.51 7.43
N VAL B 84 -30.97 46.44 7.24
CA VAL B 84 -30.89 45.38 8.23
C VAL B 84 -29.45 45.24 8.71
N LEU B 85 -29.19 45.65 9.94
CA LEU B 85 -27.82 45.66 10.47
C LEU B 85 -27.36 44.28 10.91
N GLY B 86 -26.06 44.05 10.74
CA GLY B 86 -25.44 42.88 11.33
C GLY B 86 -24.83 43.21 12.68
N SER B 87 -24.58 42.16 13.47
CA SER B 87 -23.90 42.28 14.77
C SER B 87 -22.50 42.64 14.44
N PRO B 88 -21.95 43.68 15.11
CA PRO B 88 -20.65 44.26 14.79
C PRO B 88 -19.49 43.31 15.07
N THR B 89 -18.42 43.46 14.32
CA THR B 89 -17.19 42.73 14.57
C THR B 89 -16.22 43.68 15.24
N PRO B 90 -15.89 43.43 16.51
CA PRO B 90 -14.90 44.32 17.11
C PRO B 90 -13.51 43.82 16.74
N LEU B 91 -12.60 44.73 16.41
CA LEU B 91 -11.26 44.27 16.06
C LEU B 91 -10.17 45.07 16.77
N VAL B 92 -9.17 44.35 17.27
CA VAL B 92 -8.06 44.98 17.99
C VAL B 92 -6.71 44.71 17.32
N LEU B 93 -5.67 45.23 17.96
CA LEU B 93 -4.30 45.07 17.48
C LEU B 93 -3.51 44.04 18.29
N ARG B 94 -2.72 43.24 17.59
CA ARG B 94 -1.76 42.36 18.24
C ARG B 94 -0.56 43.16 18.70
N SER B 95 0.07 42.73 19.79
CA SER B 95 1.26 43.39 20.30
C SER B 95 2.52 42.63 19.92
N ASP B 96 2.33 41.45 19.34
CA ASP B 96 3.43 40.50 19.20
C ASP B 96 4.31 40.82 18.01
N GLY B 97 3.80 41.65 17.09
CA GLY B 97 4.59 42.08 15.97
C GLY B 97 3.84 42.74 14.84
N VAL B 98 4.47 43.75 14.26
CA VAL B 98 3.97 44.45 13.08
C VAL B 98 4.20 43.61 11.82
N MET B 99 3.26 43.62 10.88
CA MET B 99 3.49 42.95 9.61
C MET B 99 4.20 43.86 8.61
N GLY B 100 5.16 43.30 7.89
CA GLY B 100 6.01 44.07 7.00
C GLY B 100 5.38 44.40 5.66
N GLU B 101 6.18 44.98 4.78
CA GLU B 101 5.76 45.33 3.42
C GLU B 101 5.68 44.11 2.48
N TYR B 102 4.79 44.19 1.48
CA TYR B 102 4.60 43.10 0.52
C TYR B 102 3.80 43.57 -0.70
N GLU B 103 3.95 42.86 -1.83
CA GLU B 103 3.19 43.09 -3.06
C GLU B 103 1.72 43.31 -2.84
N PRO B 104 1.07 44.07 -3.74
CA PRO B 104 -0.37 44.19 -3.64
C PRO B 104 -1.02 42.88 -4.00
N LYS B 105 -2.11 42.56 -3.33
CA LYS B 105 -2.92 41.41 -3.68
C LYS B 105 -4.32 41.88 -3.99
N ILE B 106 -4.72 41.79 -5.25
CA ILE B 106 -6.07 42.19 -5.66
C ILE B 106 -7.06 41.24 -5.03
N GLU B 107 -7.93 41.76 -4.15
CA GLU B 107 -8.80 40.90 -3.34
C GLU B 107 -10.25 40.89 -3.83
N VAL B 108 -10.64 41.94 -4.52
CA VAL B 108 -11.95 41.95 -5.19
C VAL B 108 -11.80 42.61 -6.57
N GLN B 109 -12.43 42.03 -7.58
CA GLN B 109 -12.23 42.50 -8.96
C GLN B 109 -13.35 42.07 -9.90
N PHE B 110 -13.51 42.80 -10.99
CA PHE B 110 -14.49 42.48 -12.01
C PHE B 110 -14.20 41.11 -12.64
N PRO B 111 -15.23 40.48 -13.21
CA PRO B 111 -15.12 39.12 -13.73
C PRO B 111 -14.23 39.01 -14.96
N GLU B 112 -13.78 37.79 -15.26
CA GLU B 112 -12.93 37.57 -16.42
C GLU B 112 -13.66 37.97 -17.68
N THR B 113 -14.97 37.84 -17.65
CA THR B 113 -15.78 38.20 -18.78
C THR B 113 -17.05 38.80 -18.23
N LEU B 114 -17.49 39.90 -18.82
CA LEU B 114 -18.59 40.66 -18.25
C LEU B 114 -19.50 41.21 -19.33
N PRO B 115 -20.64 40.54 -19.55
CA PRO B 115 -21.66 41.02 -20.47
C PRO B 115 -22.29 42.32 -19.96
N ALA B 116 -22.67 43.22 -20.86
CA ALA B 116 -23.26 44.48 -20.42
C ALA B 116 -24.31 44.97 -21.40
N ALA B 117 -25.52 45.22 -20.90
CA ALA B 117 -26.63 45.64 -21.75
C ALA B 117 -26.36 46.99 -22.38
N LYS B 118 -26.92 47.23 -23.56
CA LYS B 118 -26.68 48.50 -24.26
C LYS B 118 -27.15 49.65 -23.43
N GLY B 119 -26.29 50.67 -23.30
CA GLY B 119 -26.66 51.89 -22.62
C GLY B 119 -26.59 51.79 -21.12
N SER B 120 -26.51 50.58 -20.61
CA SER B 120 -26.37 50.38 -19.17
C SER B 120 -25.08 51.03 -18.67
N THR B 121 -24.97 51.11 -17.35
CA THR B 121 -23.78 51.67 -16.73
C THR B 121 -23.04 50.54 -16.03
N VAL B 122 -21.82 50.31 -16.48
CA VAL B 122 -21.04 49.24 -15.90
C VAL B 122 -20.00 49.83 -14.97
N ARG B 123 -19.81 49.15 -13.84
CA ARG B 123 -18.90 49.59 -12.80
C ARG B 123 -17.92 48.48 -12.51
N LEU B 124 -16.70 48.63 -12.98
CA LEU B 124 -15.68 47.63 -12.70
C LEU B 124 -15.01 47.95 -11.36
N GLU B 125 -14.99 46.97 -10.46
CA GLU B 125 -14.34 47.12 -9.16
C GLU B 125 -12.94 46.54 -9.20
N CYS B 126 -11.98 47.22 -8.57
CA CYS B 126 -10.66 46.63 -8.36
C CYS B 126 -9.99 47.21 -7.13
N PHE B 127 -9.77 46.36 -6.12
CA PHE B 127 -9.13 46.78 -4.88
C PHE B 127 -8.16 45.74 -4.38
N ALA B 128 -7.09 46.20 -3.73
CA ALA B 128 -5.98 45.33 -3.37
C ALA B 128 -5.47 45.62 -1.98
N LEU B 129 -5.24 44.55 -1.22
CA LEU B 129 -4.49 44.65 0.02
C LEU B 129 -2.99 44.80 -0.30
N GLY B 130 -2.33 45.63 0.48
CA GLY B 130 -0.91 45.82 0.28
C GLY B 130 -0.34 46.78 1.28
N ASN B 131 0.93 46.58 1.60
CA ASN B 131 1.67 47.48 2.44
C ASN B 131 3.03 47.73 1.77
N PRO B 132 3.28 48.98 1.30
CA PRO B 132 2.40 50.16 1.40
C PRO B 132 1.07 50.06 0.62
N VAL B 133 0.16 50.97 0.92
CA VAL B 133 -1.15 50.96 0.30
C VAL B 133 -0.99 51.06 -1.20
N PRO B 134 -1.53 50.09 -1.91
CA PRO B 134 -1.49 49.98 -3.36
C PRO B 134 -2.11 51.19 -4.04
N GLN B 135 -1.65 51.51 -5.24
CA GLN B 135 -2.28 52.51 -6.07
C GLN B 135 -2.87 51.84 -7.31
N ILE B 136 -4.15 52.04 -7.54
CA ILE B 136 -4.83 51.44 -8.67
C ILE B 136 -4.76 52.30 -9.93
N ASN B 137 -4.37 51.66 -11.04
CA ASN B 137 -4.43 52.29 -12.36
C ASN B 137 -5.26 51.44 -13.31
N TRP B 138 -5.90 52.11 -14.27
CA TRP B 138 -6.70 51.44 -15.27
C TRP B 138 -6.17 51.72 -16.68
N ARG B 139 -6.52 50.84 -17.61
CA ARG B 139 -6.11 50.95 -19.01
C ARG B 139 -6.74 49.85 -19.85
N ARG B 140 -6.80 50.07 -21.16
CA ARG B 140 -7.25 49.03 -22.09
C ARG B 140 -6.07 48.17 -22.47
N SER B 141 -6.36 46.92 -22.85
CA SER B 141 -5.32 46.00 -23.22
C SER B 141 -4.75 46.40 -24.58
N ASP B 142 -5.61 46.82 -25.50
CA ASP B 142 -5.17 47.14 -26.88
C ASP B 142 -4.40 48.46 -26.98
N GLY B 143 -4.26 49.18 -25.87
CA GLY B 143 -3.46 50.39 -25.84
C GLY B 143 -4.25 51.65 -26.20
N MET B 144 -5.48 51.47 -26.64
CA MET B 144 -6.33 52.61 -26.95
C MET B 144 -6.74 53.31 -25.66
N PRO B 145 -6.60 54.64 -25.63
CA PRO B 145 -7.06 55.39 -24.46
C PRO B 145 -8.59 55.37 -24.29
N PHE B 146 -9.05 55.50 -23.04
CA PHE B 146 -10.48 55.54 -22.73
C PHE B 146 -11.19 56.75 -23.34
N PRO B 147 -12.42 56.56 -23.84
CA PRO B 147 -13.22 57.71 -24.24
C PRO B 147 -13.57 58.57 -23.03
N ASN B 148 -14.01 59.80 -23.25
CA ASN B 148 -14.20 60.75 -22.16
C ASN B 148 -15.24 60.31 -21.12
N LYS B 149 -16.24 59.56 -21.53
CA LYS B 149 -17.33 59.15 -20.63
C LYS B 149 -16.94 58.17 -19.52
N ILE B 150 -15.67 57.75 -19.51
CA ILE B 150 -15.23 56.81 -18.50
C ILE B 150 -14.55 57.55 -17.37
N LYS B 151 -15.01 57.33 -16.15
CA LYS B 151 -14.37 58.00 -15.01
C LYS B 151 -13.97 57.09 -13.86
N LEU B 152 -12.99 57.56 -13.11
CA LEU B 152 -12.42 56.84 -11.98
C LEU B 152 -13.15 57.22 -10.69
N ARG B 153 -14.00 56.32 -10.23
CA ARG B 153 -14.73 56.53 -9.01
C ARG B 153 -14.01 55.87 -7.84
N LYS B 154 -14.51 56.11 -6.62
CA LYS B 154 -14.12 55.36 -5.42
C LYS B 154 -12.61 55.31 -5.19
N PHE B 155 -11.94 56.45 -5.36
CA PHE B 155 -10.47 56.52 -5.21
C PHE B 155 -9.72 55.54 -6.11
N ASN B 156 -10.13 55.47 -7.38
CA ASN B 156 -9.54 54.60 -8.39
C ASN B 156 -9.86 53.12 -8.21
N GLY B 157 -10.67 52.81 -7.20
CA GLY B 157 -11.05 51.42 -6.96
C GLY B 157 -12.16 50.97 -7.88
N MET B 158 -12.86 51.91 -8.51
CA MET B 158 -13.91 51.57 -9.48
C MET B 158 -13.69 52.28 -10.83
N LEU B 159 -14.04 51.58 -11.91
CA LEU B 159 -14.12 52.20 -13.23
C LEU B 159 -15.56 52.26 -13.70
N GLU B 160 -16.03 53.45 -14.06
CA GLU B 160 -17.44 53.58 -14.46
C GLU B 160 -17.58 53.94 -15.91
N ILE B 161 -18.28 53.07 -16.62
CA ILE B 161 -18.61 53.27 -18.03
C ILE B 161 -20.11 53.49 -18.17
N GLN B 162 -20.50 54.72 -18.43
CA GLN B 162 -21.91 55.00 -18.56
C GLN B 162 -22.26 54.87 -20.03
N ASN B 163 -23.53 54.65 -20.32
CA ASN B 163 -23.97 54.50 -21.70
C ASN B 163 -23.13 53.48 -22.45
N PHE B 164 -23.15 52.23 -21.98
CA PHE B 164 -22.32 51.21 -22.57
C PHE B 164 -22.78 50.92 -24.01
N GLN B 165 -21.83 51.00 -24.93
CA GLN B 165 -22.09 50.77 -26.34
C GLN B 165 -21.04 49.79 -26.88
N GLN B 166 -21.28 49.26 -28.09
CA GLN B 166 -20.39 48.27 -28.69
C GLN B 166 -18.93 48.74 -28.75
N GLU B 167 -18.71 50.01 -29.08
CA GLU B 167 -17.37 50.58 -29.09
C GLU B 167 -16.62 50.42 -27.77
N ASP B 168 -17.36 50.21 -26.67
CA ASP B 168 -16.77 50.11 -25.34
C ASP B 168 -16.35 48.69 -25.00
N THR B 169 -16.58 47.75 -25.90
CA THR B 169 -16.21 46.37 -25.63
C THR B 169 -14.69 46.22 -25.74
N GLY B 170 -14.16 45.13 -25.21
CA GLY B 170 -12.73 44.90 -25.25
C GLY B 170 -12.18 44.54 -23.90
N SER B 171 -10.86 44.37 -23.81
CA SER B 171 -10.22 43.91 -22.58
C SER B 171 -9.78 45.07 -21.68
N TYR B 172 -10.28 45.08 -20.45
CA TYR B 172 -9.88 46.11 -19.49
C TYR B 172 -8.89 45.55 -18.46
N GLU B 173 -7.81 46.30 -18.19
CA GLU B 173 -6.85 45.90 -17.17
C GLU B 173 -6.88 46.82 -15.99
N CYS B 174 -6.68 46.23 -14.83
CA CYS B 174 -6.57 46.93 -13.57
C CYS B 174 -5.19 46.62 -13.01
N ILE B 175 -4.40 47.65 -12.74
CA ILE B 175 -3.06 47.44 -12.17
C ILE B 175 -3.00 48.02 -10.76
N ALA B 176 -2.49 47.22 -9.83
CA ALA B 176 -2.29 47.64 -8.44
C ALA B 176 -0.83 47.49 -8.06
N GLU B 177 -0.22 48.56 -7.57
CA GLU B 177 1.17 48.51 -7.21
C GLU B 177 1.55 49.34 -6.02
N ASN B 178 2.68 48.94 -5.45
CA ASN B 178 3.36 49.67 -4.42
C ASN B 178 4.86 49.45 -4.66
N SER B 179 5.69 49.87 -3.71
CA SER B 179 7.14 49.73 -3.87
C SER B 179 7.61 48.27 -3.95
N ARG B 180 6.75 47.31 -3.62
CA ARG B 180 7.19 45.93 -3.50
C ARG B 180 6.80 45.06 -4.71
N GLY B 181 6.13 45.66 -5.70
CA GLY B 181 5.68 44.92 -6.87
C GLY B 181 4.30 45.34 -7.39
N LYS B 182 3.85 44.68 -8.45
CA LYS B 182 2.52 44.96 -9.00
C LYS B 182 1.80 43.68 -9.43
N ASN B 183 0.48 43.71 -9.32
CA ASN B 183 -0.35 42.63 -9.81
C ASN B 183 -1.46 43.23 -10.63
N VAL B 184 -2.15 42.38 -11.39
CA VAL B 184 -2.97 42.78 -12.51
C VAL B 184 -4.30 42.02 -12.54
N ALA B 185 -5.40 42.72 -12.74
CA ALA B 185 -6.66 42.05 -13.00
C ALA B 185 -7.11 42.40 -14.42
N ARG B 186 -7.54 41.38 -15.15
CA ARG B 186 -7.90 41.51 -16.54
C ARG B 186 -9.30 40.93 -16.73
N GLY B 187 -9.95 41.34 -17.82
CA GLY B 187 -11.31 40.92 -18.07
C GLY B 187 -11.85 41.58 -19.31
N ARG B 188 -12.59 40.81 -20.09
CA ARG B 188 -13.16 41.32 -21.33
C ARG B 188 -14.61 41.72 -21.13
N LEU B 189 -14.91 42.97 -21.46
CA LEU B 189 -16.28 43.45 -21.44
C LEU B 189 -16.96 43.18 -22.77
N THR B 190 -18.16 42.61 -22.73
CA THR B 190 -18.91 42.38 -23.95
C THR B 190 -20.25 43.13 -23.96
N TYR B 191 -20.83 43.25 -25.16
CA TYR B 191 -22.03 44.05 -25.41
C TYR B 191 -23.21 43.19 -25.82
N TYR B 192 -24.41 43.61 -25.42
CA TYR B 192 -25.63 43.00 -25.94
C TYR B 192 -26.82 43.93 -25.79
N ALA B 193 -27.74 43.90 -26.75
CA ALA B 193 -28.91 44.78 -26.70
C ALA B 193 -30.19 43.96 -26.53
N ASP C 2 2.20 -38.82 -9.80
CA ASP C 2 2.94 -39.94 -9.23
C ASP C 2 4.44 -39.64 -9.02
N PRO C 3 5.20 -39.27 -10.09
CA PRO C 3 6.65 -39.05 -9.92
C PRO C 3 7.02 -37.82 -9.07
N TYR C 4 8.17 -37.84 -8.41
CA TYR C 4 8.53 -36.77 -7.51
C TYR C 4 9.01 -35.51 -8.24
N TRP C 5 8.44 -34.38 -7.86
CA TRP C 5 8.85 -33.11 -8.43
C TRP C 5 8.84 -32.00 -7.39
N ALA C 6 9.39 -30.85 -7.78
CA ALA C 6 9.58 -29.72 -6.88
C ALA C 6 9.72 -28.45 -7.69
N TYR C 7 9.93 -27.33 -7.01
CA TYR C 7 10.08 -26.05 -7.67
C TYR C 7 11.51 -25.62 -7.70
N SER C 8 12.34 -26.34 -6.97
CA SER C 8 13.78 -26.13 -7.08
C SER C 8 14.52 -27.45 -6.99
N GLY C 9 15.84 -27.37 -7.12
CA GLY C 9 16.69 -28.52 -6.90
C GLY C 9 16.69 -29.55 -8.01
N ALA C 10 17.09 -30.77 -7.64
CA ALA C 10 17.34 -31.83 -8.57
C ALA C 10 16.09 -32.27 -9.29
N TYR C 11 14.94 -32.11 -8.66
CA TYR C 11 13.67 -32.38 -9.31
C TYR C 11 12.93 -31.07 -9.61
N GLY C 12 13.70 -30.00 -9.79
CA GLY C 12 13.15 -28.71 -10.19
C GLY C 12 12.52 -28.70 -11.60
N PRO C 13 11.81 -27.62 -11.93
CA PRO C 13 11.06 -27.42 -13.17
C PRO C 13 11.76 -27.82 -14.47
N GLU C 14 13.03 -27.49 -14.63
CA GLU C 14 13.76 -27.86 -15.82
C GLU C 14 14.04 -29.38 -15.86
N HIS C 15 13.70 -30.09 -14.79
CA HIS C 15 13.92 -31.53 -14.74
C HIS C 15 12.63 -32.36 -14.85
N TRP C 16 11.47 -31.70 -14.75
CA TRP C 16 10.14 -32.35 -14.89
C TRP C 16 9.96 -33.18 -16.17
N VAL C 17 10.57 -32.74 -17.27
CA VAL C 17 10.46 -33.44 -18.54
C VAL C 17 11.06 -34.85 -18.51
N THR C 18 11.95 -35.10 -17.58
CA THR C 18 12.57 -36.41 -17.46
C THR C 18 11.53 -37.48 -17.07
N SER C 19 10.61 -37.11 -16.18
CA SER C 19 9.60 -38.05 -15.69
C SER C 19 8.21 -37.79 -16.25
N SER C 20 8.01 -36.61 -16.80
CA SER C 20 6.73 -36.23 -17.39
C SER C 20 6.96 -35.62 -18.74
N VAL C 21 6.75 -36.43 -19.78
CA VAL C 21 7.14 -36.04 -21.11
C VAL C 21 6.34 -34.81 -21.62
N SER C 22 5.15 -34.60 -21.10
CA SER C 22 4.30 -33.53 -21.62
C SER C 22 4.82 -32.15 -21.19
N CYS C 23 5.44 -32.10 -20.03
CA CYS C 23 6.16 -30.91 -19.57
C CYS C 23 7.18 -30.33 -20.58
N GLY C 24 7.57 -31.12 -21.57
CA GLY C 24 8.43 -30.62 -22.61
C GLY C 24 7.69 -30.34 -23.90
N GLY C 25 6.46 -29.85 -23.81
CA GLY C 25 5.65 -29.58 -24.99
C GLY C 25 5.74 -28.17 -25.52
N ARG C 26 4.96 -27.88 -26.57
CA ARG C 26 4.95 -26.57 -27.21
C ARG C 26 3.72 -25.71 -26.84
N HIS C 27 2.87 -26.25 -25.97
CA HIS C 27 1.66 -25.55 -25.55
C HIS C 27 1.61 -25.52 -24.02
N GLN C 28 2.70 -25.07 -23.43
CA GLN C 28 2.88 -25.12 -22.00
C GLN C 28 2.53 -23.77 -21.33
N SER C 29 2.22 -23.83 -20.05
CA SER C 29 1.87 -22.66 -19.25
C SER C 29 2.80 -22.67 -18.06
N PRO C 30 2.99 -21.51 -17.41
CA PRO C 30 2.41 -20.21 -17.74
C PRO C 30 3.20 -19.48 -18.81
N ILE C 31 2.71 -18.31 -19.18
CA ILE C 31 3.35 -17.54 -20.22
C ILE C 31 3.41 -16.11 -19.80
N ASP C 32 4.34 -15.38 -20.41
CA ASP C 32 4.35 -13.93 -20.33
C ASP C 32 3.43 -13.39 -21.43
N ILE C 33 2.39 -12.65 -21.03
CA ILE C 33 1.45 -12.10 -22.01
C ILE C 33 1.86 -10.70 -22.47
N LEU C 34 2.24 -10.60 -23.73
CA LEU C 34 2.54 -9.32 -24.37
C LEU C 34 1.28 -8.73 -25.02
N ASP C 35 0.78 -7.63 -24.45
CA ASP C 35 -0.46 -7.00 -24.93
C ASP C 35 -0.35 -6.44 -26.36
N GLN C 36 0.83 -5.96 -26.76
CA GLN C 36 1.02 -5.41 -28.11
C GLN C 36 0.96 -6.50 -29.18
N TYR C 37 1.07 -7.74 -28.75
CA TYR C 37 1.01 -8.90 -29.63
C TYR C 37 -0.26 -9.71 -29.38
N ALA C 38 -1.23 -9.12 -28.67
CA ALA C 38 -2.47 -9.81 -28.32
C ALA C 38 -3.44 -9.83 -29.50
N ARG C 39 -4.74 -9.97 -29.23
CA ARG C 39 -5.72 -10.14 -30.30
C ARG C 39 -7.12 -9.70 -29.89
N VAL C 40 -7.80 -8.95 -30.77
CA VAL C 40 -9.15 -8.49 -30.49
C VAL C 40 -10.15 -9.65 -30.53
N GLY C 41 -10.59 -10.06 -29.35
CA GLY C 41 -11.51 -11.19 -29.20
C GLY C 41 -12.83 -11.02 -29.93
N GLU C 42 -12.99 -11.76 -31.03
CA GLU C 42 -14.19 -11.69 -31.86
C GLU C 42 -15.35 -12.47 -31.24
N GLU C 43 -16.53 -11.85 -31.26
CA GLU C 43 -17.76 -12.47 -30.78
C GLU C 43 -17.62 -13.17 -29.42
N TYR C 44 -16.70 -12.68 -28.59
CA TYR C 44 -16.54 -13.25 -27.25
C TYR C 44 -17.76 -12.95 -26.42
N GLN C 45 -18.62 -13.94 -26.24
CA GLN C 45 -19.78 -13.78 -25.39
C GLN C 45 -19.31 -13.35 -24.00
N GLU C 46 -20.12 -12.54 -23.32
CA GLU C 46 -19.69 -12.04 -22.03
C GLU C 46 -19.43 -13.20 -21.10
N LEU C 47 -18.53 -12.99 -20.16
CA LEU C 47 -18.21 -13.99 -19.17
C LEU C 47 -19.41 -14.22 -18.27
N GLN C 48 -19.97 -15.43 -18.32
CA GLN C 48 -21.13 -15.78 -17.51
C GLN C 48 -20.77 -16.63 -16.30
N LEU C 49 -20.79 -16.03 -15.11
CA LEU C 49 -20.61 -16.75 -13.85
C LEU C 49 -21.97 -17.20 -13.26
N ASP C 50 -21.96 -18.24 -12.43
CA ASP C 50 -23.19 -18.85 -11.94
C ASP C 50 -22.97 -19.44 -10.53
N GLY C 51 -23.70 -18.91 -9.54
CA GLY C 51 -23.55 -19.34 -8.17
C GLY C 51 -22.36 -18.74 -7.42
N PHE C 52 -21.67 -17.81 -8.07
CA PHE C 52 -20.43 -17.20 -7.54
C PHE C 52 -20.68 -16.22 -6.43
N ASP C 53 -21.94 -15.83 -6.26
CA ASP C 53 -22.31 -14.81 -5.27
C ASP C 53 -22.80 -15.46 -3.98
N ASN C 54 -22.94 -16.78 -4.00
CA ASN C 54 -23.42 -17.51 -2.84
C ASN C 54 -22.30 -17.69 -1.81
N GLU C 55 -22.64 -17.51 -0.55
CA GLU C 55 -21.67 -17.73 0.51
C GLU C 55 -21.31 -19.21 0.55
N SER C 56 -20.02 -19.49 0.55
CA SER C 56 -19.53 -20.86 0.50
C SER C 56 -19.96 -21.68 1.69
N SER C 57 -20.13 -22.98 1.48
CA SER C 57 -20.57 -23.88 2.53
C SER C 57 -19.50 -24.16 3.54
N ASN C 58 -19.94 -24.62 4.70
CA ASN C 58 -19.06 -24.94 5.81
C ASN C 58 -18.33 -26.24 5.53
N LYS C 59 -18.69 -26.90 4.42
CA LYS C 59 -18.07 -28.14 3.99
C LYS C 59 -16.77 -27.86 3.21
N THR C 60 -16.66 -26.65 2.68
CA THR C 60 -15.52 -26.28 1.86
C THR C 60 -14.27 -26.26 2.76
N TRP C 61 -13.15 -26.80 2.27
CA TRP C 61 -11.95 -26.82 3.09
C TRP C 61 -10.70 -26.50 2.31
N MET C 62 -9.62 -26.30 3.07
CA MET C 62 -8.37 -25.80 2.55
C MET C 62 -7.26 -26.75 2.98
N LYS C 63 -6.30 -26.97 2.09
CA LYS C 63 -5.27 -27.98 2.30
C LYS C 63 -3.85 -27.51 1.91
N ASN C 64 -2.90 -27.59 2.85
CA ASN C 64 -1.51 -27.46 2.42
C ASN C 64 -1.07 -28.77 1.74
N THR C 65 -0.90 -28.71 0.42
CA THR C 65 -0.51 -29.90 -0.33
C THR C 65 1.00 -30.07 -0.37
N GLY C 66 1.73 -29.09 0.13
CA GLY C 66 3.19 -29.16 0.10
C GLY C 66 3.72 -28.53 -1.18
N LYS C 67 2.84 -28.30 -2.15
CA LYS C 67 3.27 -27.63 -3.38
C LYS C 67 2.56 -26.29 -3.48
N THR C 68 1.35 -26.24 -2.89
CA THR C 68 0.52 -25.05 -2.84
C THR C 68 -0.41 -25.13 -1.64
N VAL C 69 -1.28 -24.13 -1.50
CA VAL C 69 -2.44 -24.23 -0.63
C VAL C 69 -3.68 -24.34 -1.54
N ALA C 70 -4.47 -25.39 -1.31
CA ALA C 70 -5.59 -25.69 -2.19
C ALA C 70 -6.92 -25.62 -1.42
N ILE C 71 -7.95 -25.12 -2.09
CA ILE C 71 -9.31 -25.08 -1.56
C ILE C 71 -10.20 -26.01 -2.37
N LEU C 72 -10.76 -27.04 -1.75
CA LEU C 72 -11.64 -27.94 -2.49
C LEU C 72 -13.06 -27.47 -2.27
N LEU C 73 -13.64 -26.89 -3.31
CA LEU C 73 -14.99 -26.37 -3.24
C LEU C 73 -16.04 -27.47 -3.09
N LYS C 74 -16.97 -27.25 -2.18
CA LYS C 74 -18.08 -28.18 -1.96
C LYS C 74 -19.38 -27.52 -2.38
N ASP C 75 -19.28 -26.53 -3.26
CA ASP C 75 -20.47 -25.88 -3.79
C ASP C 75 -20.37 -25.84 -5.30
N ASP C 76 -21.52 -25.66 -5.94
CA ASP C 76 -21.56 -25.63 -7.40
C ASP C 76 -21.31 -24.22 -7.92
N TYR C 77 -20.18 -24.03 -8.58
CA TYR C 77 -19.91 -22.77 -9.27
C TYR C 77 -19.68 -23.07 -10.73
N PHE C 78 -20.33 -22.30 -11.60
CA PHE C 78 -20.24 -22.55 -13.04
C PHE C 78 -19.77 -21.34 -13.85
N VAL C 79 -19.16 -21.59 -14.99
CA VAL C 79 -18.72 -20.51 -15.87
C VAL C 79 -18.96 -20.88 -17.34
N SER C 80 -19.26 -19.88 -18.16
CA SER C 80 -19.52 -20.07 -19.59
C SER C 80 -19.24 -18.80 -20.40
N GLY C 81 -19.17 -18.96 -21.72
CA GLY C 81 -18.85 -17.86 -22.61
C GLY C 81 -17.35 -17.68 -22.78
N ALA C 82 -16.95 -16.53 -23.29
CA ALA C 82 -15.54 -16.14 -23.39
C ALA C 82 -14.61 -17.16 -24.08
N GLY C 83 -15.13 -17.82 -25.11
CA GLY C 83 -14.36 -18.78 -25.86
C GLY C 83 -14.56 -20.21 -25.40
N LEU C 84 -14.88 -20.37 -24.12
CA LEU C 84 -15.02 -21.70 -23.53
C LEU C 84 -16.15 -22.50 -24.15
N PRO C 85 -15.85 -23.74 -24.54
CA PRO C 85 -16.82 -24.65 -25.15
C PRO C 85 -17.69 -25.38 -24.12
N GLY C 86 -18.90 -24.88 -23.92
CA GLY C 86 -19.79 -25.46 -22.94
C GLY C 86 -19.65 -24.77 -21.60
N ARG C 87 -20.32 -25.34 -20.59
CA ARG C 87 -20.26 -24.78 -19.24
C ARG C 87 -19.26 -25.54 -18.37
N PHE C 88 -18.54 -24.81 -17.55
CA PHE C 88 -17.53 -25.43 -16.73
C PHE C 88 -17.84 -25.29 -15.25
N LYS C 89 -17.61 -26.36 -14.51
CA LYS C 89 -17.91 -26.45 -13.08
C LYS C 89 -16.62 -26.34 -12.28
N ALA C 90 -16.58 -25.47 -11.29
CA ALA C 90 -15.34 -25.30 -10.53
C ALA C 90 -15.05 -26.46 -9.57
N GLU C 91 -13.78 -26.82 -9.50
CA GLU C 91 -13.36 -27.96 -8.69
C GLU C 91 -12.56 -27.53 -7.46
N LYS C 92 -11.64 -26.58 -7.65
CA LYS C 92 -10.69 -26.19 -6.61
C LYS C 92 -9.95 -24.90 -6.91
N VAL C 93 -9.38 -24.31 -5.87
CA VAL C 93 -8.62 -23.08 -6.00
C VAL C 93 -7.20 -23.34 -5.51
N GLU C 94 -6.20 -22.80 -6.20
CA GLU C 94 -4.82 -23.01 -5.85
C GLU C 94 -4.09 -21.67 -5.95
N PHE C 95 -3.06 -21.48 -5.14
CA PHE C 95 -2.29 -20.23 -5.14
C PHE C 95 -0.79 -20.39 -5.44
N HIS C 96 -0.22 -19.31 -5.99
CA HIS C 96 1.22 -19.21 -6.18
C HIS C 96 1.68 -17.88 -5.65
N TRP C 97 2.74 -17.90 -4.84
CA TRP C 97 3.20 -16.68 -4.18
C TRP C 97 4.73 -16.60 -4.14
N GLY C 98 5.25 -15.45 -3.73
CA GLY C 98 6.68 -15.21 -3.76
C GLY C 98 7.41 -15.50 -2.47
N HIS C 99 8.13 -14.51 -1.98
CA HIS C 99 9.10 -14.76 -0.93
C HIS C 99 8.89 -13.84 0.27
N SER C 100 8.93 -12.53 0.02
CA SER C 100 8.67 -11.58 1.08
C SER C 100 8.36 -10.25 0.49
N ASN C 101 7.62 -9.46 1.24
CA ASN C 101 7.47 -8.06 0.93
C ASN C 101 6.96 -7.82 -0.47
N GLY C 102 6.02 -8.67 -0.89
CA GLY C 102 5.34 -8.51 -2.16
C GLY C 102 6.18 -8.86 -3.39
N SER C 103 7.25 -9.62 -3.19
CA SER C 103 8.10 -10.05 -4.30
C SER C 103 7.29 -10.87 -5.31
N ALA C 104 7.82 -10.98 -6.52
CA ALA C 104 7.19 -11.74 -7.59
C ALA C 104 6.78 -13.12 -7.15
N GLY C 105 5.51 -13.44 -7.37
CA GLY C 105 4.97 -14.75 -7.00
C GLY C 105 4.04 -15.37 -8.05
N SER C 106 3.52 -14.56 -8.96
CA SER C 106 2.60 -15.06 -9.97
C SER C 106 3.29 -15.99 -10.95
N GLU C 107 2.48 -16.76 -11.68
CA GLU C 107 2.97 -17.65 -12.72
C GLU C 107 2.98 -16.92 -14.07
N HIS C 108 1.84 -16.31 -14.41
CA HIS C 108 1.75 -15.48 -15.58
C HIS C 108 2.26 -14.07 -15.36
N SER C 109 2.33 -13.31 -16.43
CA SER C 109 2.68 -11.91 -16.34
C SER C 109 2.18 -11.16 -17.56
N ILE C 110 1.86 -9.89 -17.36
CA ILE C 110 1.43 -9.03 -18.46
C ILE C 110 2.51 -7.99 -18.76
N ASN C 111 3.13 -8.12 -19.92
CA ASN C 111 4.26 -7.27 -20.29
C ASN C 111 5.38 -7.36 -19.27
N GLY C 112 5.63 -8.57 -18.80
CA GLY C 112 6.80 -8.86 -17.98
C GLY C 112 6.52 -8.54 -16.54
N ARG C 113 5.33 -7.98 -16.32
CA ARG C 113 4.91 -7.51 -15.01
C ARG C 113 4.32 -8.64 -14.20
N ARG C 114 5.01 -9.01 -13.12
CA ARG C 114 4.56 -10.06 -12.22
C ARG C 114 3.80 -9.49 -11.04
N PHE C 115 3.19 -10.38 -10.23
CA PHE C 115 2.40 -9.97 -9.06
C PHE C 115 2.78 -10.79 -7.82
N PRO C 116 2.39 -10.31 -6.63
CA PRO C 116 2.80 -11.04 -5.43
C PRO C 116 2.09 -12.36 -5.25
N VAL C 117 0.87 -12.49 -5.75
CA VAL C 117 0.10 -13.73 -5.67
C VAL C 117 -0.69 -13.90 -6.97
N GLU C 118 -0.82 -15.15 -7.41
CA GLU C 118 -1.70 -15.52 -8.50
C GLU C 118 -2.65 -16.61 -8.01
N MET C 119 -3.95 -16.40 -8.14
CA MET C 119 -4.91 -17.43 -7.72
C MET C 119 -5.52 -18.10 -8.93
N GLN C 120 -5.57 -19.42 -8.92
CA GLN C 120 -6.08 -20.14 -10.09
C GLN C 120 -7.29 -20.99 -9.71
N ILE C 121 -8.35 -20.88 -10.48
CA ILE C 121 -9.53 -21.71 -10.24
C ILE C 121 -9.64 -22.71 -11.37
N PHE C 122 -9.76 -23.99 -11.03
CA PHE C 122 -9.79 -25.05 -12.03
C PHE C 122 -11.21 -25.61 -12.22
N PHE C 123 -11.61 -25.75 -13.48
CA PHE C 123 -12.95 -26.16 -13.86
C PHE C 123 -12.91 -27.39 -14.73
N TYR C 124 -13.96 -28.20 -14.65
CA TYR C 124 -14.14 -29.29 -15.60
C TYR C 124 -15.53 -29.20 -16.16
N ASN C 125 -15.74 -29.84 -17.30
CA ASN C 125 -17.06 -29.82 -17.90
C ASN C 125 -17.89 -31.01 -17.44
N PRO C 126 -18.86 -30.79 -16.54
CA PRO C 126 -19.71 -31.91 -16.14
C PRO C 126 -20.61 -32.34 -17.30
N ASP C 127 -21.58 -33.20 -17.00
CA ASP C 127 -22.46 -33.77 -18.04
C ASP C 127 -21.68 -34.71 -18.97
N ASP C 128 -20.35 -34.56 -18.96
CA ASP C 128 -19.42 -35.34 -19.74
C ASP C 128 -18.62 -36.26 -18.82
N PHE C 129 -18.07 -35.66 -17.76
CA PHE C 129 -17.33 -36.39 -16.75
C PHE C 129 -17.85 -36.10 -15.37
N ASP C 130 -18.20 -37.17 -14.66
CA ASP C 130 -18.70 -37.08 -13.29
C ASP C 130 -17.74 -36.33 -12.36
N SER C 131 -16.46 -36.34 -12.70
CA SER C 131 -15.47 -35.67 -11.87
C SER C 131 -14.39 -34.91 -12.66
N PHE C 132 -13.68 -34.05 -11.94
CA PHE C 132 -12.50 -33.36 -12.43
C PHE C 132 -11.37 -34.37 -12.64
N GLN C 133 -11.37 -35.40 -11.79
CA GLN C 133 -10.39 -36.48 -11.82
C GLN C 133 -10.38 -37.23 -13.17
N THR C 134 -11.56 -37.67 -13.59
CA THR C 134 -11.77 -38.33 -14.87
C THR C 134 -11.38 -37.41 -16.02
N ALA C 135 -11.81 -36.15 -15.96
CA ALA C 135 -11.48 -35.14 -16.96
C ALA C 135 -9.99 -35.16 -17.24
N ILE C 136 -9.22 -35.00 -16.17
CA ILE C 136 -7.75 -34.99 -16.20
C ILE C 136 -7.17 -36.19 -16.93
N SER C 137 -7.50 -37.36 -16.40
CA SER C 137 -6.96 -38.63 -16.86
C SER C 137 -7.18 -38.84 -18.35
N GLU C 138 -8.41 -38.58 -18.82
CA GLU C 138 -8.77 -38.80 -20.20
C GLU C 138 -8.30 -37.69 -21.15
N ASN C 139 -7.43 -36.80 -20.67
CA ASN C 139 -6.87 -35.71 -21.49
C ASN C 139 -7.93 -34.84 -22.17
N ARG C 140 -8.94 -34.48 -21.39
CA ARG C 140 -10.03 -33.66 -21.89
C ARG C 140 -9.90 -32.20 -21.47
N ILE C 141 -10.47 -31.33 -22.28
CA ILE C 141 -10.28 -29.91 -22.12
C ILE C 141 -10.92 -29.41 -20.82
N ILE C 142 -10.08 -28.88 -19.94
CA ILE C 142 -10.53 -28.30 -18.70
C ILE C 142 -10.35 -26.77 -18.75
N GLY C 143 -10.85 -26.10 -17.73
CA GLY C 143 -10.78 -24.65 -17.71
C GLY C 143 -9.99 -24.13 -16.51
N ALA C 144 -9.44 -22.93 -16.65
CA ALA C 144 -8.78 -22.32 -15.52
C ALA C 144 -8.79 -20.81 -15.64
N MET C 145 -9.07 -20.17 -14.50
CA MET C 145 -9.01 -18.74 -14.34
C MET C 145 -7.74 -18.38 -13.60
N ALA C 146 -7.07 -17.33 -14.05
CA ALA C 146 -5.94 -16.83 -13.29
C ALA C 146 -6.27 -15.43 -12.84
N ILE C 147 -6.26 -15.24 -11.52
CA ILE C 147 -6.52 -13.95 -10.91
C ILE C 147 -5.27 -13.48 -10.22
N PHE C 148 -4.91 -12.22 -10.47
CA PHE C 148 -3.74 -11.63 -9.86
C PHE C 148 -4.17 -10.88 -8.59
N PHE C 149 -3.25 -10.78 -7.62
CA PHE C 149 -3.43 -9.92 -6.45
C PHE C 149 -2.34 -8.84 -6.45
N GLN C 150 -2.70 -7.58 -6.26
CA GLN C 150 -1.69 -6.55 -6.09
C GLN C 150 -1.72 -5.92 -4.69
N VAL C 151 -0.57 -5.47 -4.18
CA VAL C 151 -0.49 -4.93 -2.83
C VAL C 151 -1.36 -3.69 -2.73
N SER C 152 -1.87 -3.39 -1.54
CA SER C 152 -2.94 -2.42 -1.36
C SER C 152 -2.84 -1.83 0.03
N PRO C 153 -3.23 -0.55 0.19
CA PRO C 153 -3.17 0.14 1.49
C PRO C 153 -3.88 -0.64 2.60
N ARG C 154 -5.18 -0.83 2.44
CA ARG C 154 -6.00 -1.47 3.45
C ARG C 154 -6.10 -2.99 3.26
N ASP C 155 -6.40 -3.69 4.34
CA ASP C 155 -6.80 -5.10 4.29
C ASP C 155 -8.10 -5.28 3.55
N ASN C 156 -8.09 -6.12 2.54
CA ASN C 156 -9.30 -6.49 1.85
C ASN C 156 -10.05 -7.54 2.67
N SER C 157 -11.22 -7.17 3.19
CA SER C 157 -11.93 -8.05 4.10
C SER C 157 -12.56 -9.25 3.41
N ALA C 158 -12.61 -9.23 2.08
CA ALA C 158 -13.17 -10.34 1.33
C ALA C 158 -12.21 -11.52 1.40
N LEU C 159 -10.94 -11.22 1.67
CA LEU C 159 -9.91 -12.25 1.75
C LEU C 159 -9.80 -12.90 3.15
N ASP C 160 -10.41 -12.27 4.15
CA ASP C 160 -10.27 -12.70 5.54
C ASP C 160 -10.47 -14.19 5.79
N PRO C 161 -11.52 -14.82 5.21
CA PRO C 161 -11.62 -16.26 5.46
C PRO C 161 -10.43 -17.04 4.90
N ILE C 162 -9.88 -16.60 3.77
CA ILE C 162 -8.74 -17.28 3.15
C ILE C 162 -7.46 -17.04 3.96
N ILE C 163 -7.21 -15.78 4.28
CA ILE C 163 -6.07 -15.45 5.12
C ILE C 163 -6.12 -16.20 6.47
N HIS C 164 -7.29 -16.24 7.11
CA HIS C 164 -7.43 -17.00 8.36
C HIS C 164 -7.22 -18.50 8.11
N GLY C 165 -7.69 -18.99 6.98
CA GLY C 165 -7.49 -20.37 6.60
C GLY C 165 -6.00 -20.67 6.44
N LEU C 166 -5.24 -19.72 5.88
CA LEU C 166 -3.81 -19.88 5.65
C LEU C 166 -3.05 -20.07 6.95
N LYS C 167 -3.50 -19.37 7.98
CA LYS C 167 -2.90 -19.47 9.31
C LYS C 167 -3.16 -20.83 9.97
N GLY C 168 -4.12 -21.60 9.45
CA GLY C 168 -4.41 -22.91 9.99
C GLY C 168 -3.81 -24.07 9.21
N VAL C 169 -3.05 -23.78 8.16
CA VAL C 169 -2.44 -24.84 7.37
C VAL C 169 -0.96 -24.60 7.08
N VAL C 170 -0.24 -24.12 8.09
CA VAL C 170 1.18 -23.76 7.95
C VAL C 170 2.03 -24.93 7.42
N HIS C 171 1.75 -26.14 7.90
CA HIS C 171 2.59 -27.28 7.50
C HIS C 171 1.93 -28.18 6.46
N HIS C 172 2.78 -28.75 5.63
CA HIS C 172 2.41 -29.85 4.75
C HIS C 172 1.37 -30.81 5.34
N GLU C 173 0.31 -31.08 4.57
CA GLU C 173 -0.78 -32.03 4.88
C GLU C 173 -1.83 -31.51 5.88
N LYS C 174 -1.62 -30.30 6.40
CA LYS C 174 -2.57 -29.77 7.39
C LYS C 174 -3.82 -29.28 6.68
N GLU C 175 -4.97 -29.35 7.37
CA GLU C 175 -6.25 -29.14 6.75
C GLU C 175 -7.12 -28.28 7.66
N THR C 176 -8.05 -27.55 7.07
CA THR C 176 -8.96 -26.73 7.85
C THR C 176 -10.21 -26.41 7.06
N PHE C 177 -11.33 -26.31 7.76
CA PHE C 177 -12.50 -25.71 7.15
C PHE C 177 -12.35 -24.21 7.18
N LEU C 178 -13.04 -23.56 6.25
CA LEU C 178 -12.99 -22.13 6.12
C LEU C 178 -14.28 -21.49 6.57
N ASP C 179 -14.18 -20.28 7.11
CA ASP C 179 -15.37 -19.48 7.33
C ASP C 179 -16.06 -19.26 5.99
N PRO C 180 -17.34 -18.87 6.03
CA PRO C 180 -18.03 -18.56 4.78
C PRO C 180 -17.33 -17.47 3.96
N PHE C 181 -17.06 -17.74 2.69
CA PHE C 181 -16.59 -16.71 1.79
C PHE C 181 -17.45 -16.66 0.54
N VAL C 182 -17.30 -15.59 -0.23
CA VAL C 182 -18.04 -15.42 -1.46
C VAL C 182 -17.06 -15.40 -2.63
N LEU C 183 -17.15 -16.40 -3.50
CA LEU C 183 -16.14 -16.59 -4.54
C LEU C 183 -16.01 -15.38 -5.48
N ARG C 184 -17.13 -14.70 -5.78
CA ARG C 184 -17.09 -13.49 -6.59
C ARG C 184 -16.15 -12.43 -6.01
N ASP C 185 -16.16 -12.30 -4.69
CA ASP C 185 -15.30 -11.33 -4.02
C ASP C 185 -13.82 -11.65 -4.20
N LEU C 186 -13.50 -12.90 -4.47
CA LEU C 186 -12.12 -13.29 -4.78
C LEU C 186 -11.74 -12.98 -6.23
N LEU C 187 -12.70 -12.50 -7.02
CA LEU C 187 -12.43 -12.12 -8.40
C LEU C 187 -12.34 -10.59 -8.49
N PRO C 188 -11.62 -10.08 -9.49
CA PRO C 188 -11.44 -8.65 -9.74
C PRO C 188 -12.72 -7.83 -9.79
N ALA C 189 -12.61 -6.54 -9.47
CA ALA C 189 -13.74 -5.63 -9.50
C ALA C 189 -14.45 -5.67 -10.85
N SER C 190 -13.70 -5.41 -11.92
CA SER C 190 -14.22 -5.54 -13.30
C SER C 190 -13.76 -6.85 -13.93
N LEU C 191 -14.58 -7.41 -14.82
CA LEU C 191 -14.30 -8.69 -15.49
C LEU C 191 -14.10 -8.58 -17.01
N GLY C 192 -14.34 -7.38 -17.56
CA GLY C 192 -14.25 -7.16 -18.99
C GLY C 192 -12.87 -7.31 -19.59
N SER C 193 -11.85 -6.82 -18.90
CA SER C 193 -10.48 -6.90 -19.38
C SER C 193 -9.79 -8.20 -18.97
N TYR C 194 -9.73 -9.16 -19.89
CA TYR C 194 -8.99 -10.42 -19.66
C TYR C 194 -8.32 -10.94 -20.95
N TYR C 195 -7.52 -11.98 -20.79
CA TYR C 195 -6.82 -12.62 -21.90
C TYR C 195 -7.23 -14.08 -22.01
N ARG C 196 -7.20 -14.61 -23.22
CA ARG C 196 -7.51 -16.02 -23.44
C ARG C 196 -6.43 -16.70 -24.26
N TYR C 197 -6.00 -17.88 -23.82
CA TYR C 197 -5.06 -18.67 -24.61
C TYR C 197 -5.13 -20.14 -24.21
N THR C 198 -4.62 -21.01 -25.08
CA THR C 198 -4.59 -22.46 -24.86
C THR C 198 -3.25 -22.85 -24.24
N GLY C 199 -3.30 -23.62 -23.15
CA GLY C 199 -2.10 -23.88 -22.39
C GLY C 199 -2.11 -25.24 -21.78
N SER C 200 -1.53 -25.34 -20.60
CA SER C 200 -1.42 -26.62 -19.94
C SER C 200 -1.47 -26.48 -18.43
N LEU C 201 -1.44 -27.61 -17.74
CA LEU C 201 -1.25 -27.57 -16.30
C LEU C 201 0.13 -27.01 -16.03
N THR C 202 0.28 -26.29 -14.93
CA THR C 202 1.53 -25.61 -14.65
C THR C 202 2.29 -26.46 -13.65
N THR C 203 1.84 -27.71 -13.59
CA THR C 203 2.31 -28.69 -12.64
C THR C 203 2.35 -29.99 -13.42
N PRO C 204 3.35 -30.84 -13.14
CA PRO C 204 3.33 -32.16 -13.78
C PRO C 204 2.01 -32.86 -13.48
N PRO C 205 1.44 -33.60 -14.45
CA PRO C 205 2.01 -33.97 -15.76
C PRO C 205 2.02 -32.91 -16.86
N CYS C 206 1.70 -31.65 -16.53
CA CYS C 206 1.72 -30.58 -17.52
C CYS C 206 0.93 -30.89 -18.79
N SER C 207 -0.22 -31.54 -18.66
CA SER C 207 -1.00 -31.90 -19.87
C SER C 207 -1.52 -30.63 -20.56
N GLU C 208 -1.36 -30.61 -21.88
CA GLU C 208 -1.81 -29.50 -22.71
C GLU C 208 -3.29 -29.68 -22.99
N ILE C 209 -4.11 -29.37 -22.02
CA ILE C 209 -5.54 -29.64 -22.08
C ILE C 209 -6.32 -28.53 -21.40
N VAL C 210 -5.66 -27.40 -21.17
CA VAL C 210 -6.23 -26.30 -20.40
C VAL C 210 -6.59 -25.08 -21.22
N GLU C 211 -7.85 -24.62 -21.11
CA GLU C 211 -8.23 -23.30 -21.60
C GLU C 211 -8.14 -22.29 -20.49
N TRP C 212 -7.14 -21.41 -20.57
CA TRP C 212 -6.89 -20.36 -19.56
C TRP C 212 -7.69 -19.07 -19.80
N ILE C 213 -8.14 -18.49 -18.69
CA ILE C 213 -8.65 -17.11 -18.61
C ILE C 213 -7.78 -16.31 -17.65
N VAL C 214 -7.07 -15.32 -18.17
CA VAL C 214 -6.22 -14.49 -17.31
C VAL C 214 -6.82 -13.10 -17.20
N PHE C 215 -7.40 -12.77 -16.06
CA PHE C 215 -7.98 -11.44 -15.88
C PHE C 215 -6.86 -10.41 -15.82
N ARG C 216 -7.09 -9.21 -16.37
CA ARG C 216 -6.02 -8.22 -16.32
C ARG C 216 -6.02 -7.39 -15.06
N ARG C 217 -7.19 -7.12 -14.50
CA ARG C 217 -7.22 -6.28 -13.30
C ARG C 217 -7.05 -7.08 -12.02
N PRO C 218 -6.08 -6.68 -11.16
CA PRO C 218 -5.80 -7.34 -9.88
C PRO C 218 -6.86 -7.19 -8.82
N VAL C 219 -6.86 -8.13 -7.88
CA VAL C 219 -7.60 -8.07 -6.65
C VAL C 219 -6.69 -7.48 -5.57
N PRO C 220 -7.22 -6.57 -4.73
CA PRO C 220 -6.42 -5.94 -3.67
C PRO C 220 -6.09 -6.88 -2.47
N ILE C 221 -4.85 -6.77 -1.97
CA ILE C 221 -4.40 -7.52 -0.79
C ILE C 221 -3.28 -6.73 -0.07
N SER C 222 -3.28 -6.73 1.25
CA SER C 222 -2.29 -5.93 1.97
C SER C 222 -0.99 -6.70 2.23
N TYR C 223 0.05 -5.93 2.50
CA TYR C 223 1.32 -6.46 2.99
C TYR C 223 1.12 -7.35 4.22
N HIS C 224 0.18 -6.96 5.08
CA HIS C 224 -0.09 -7.74 6.27
C HIS C 224 -0.69 -9.10 5.89
N GLN C 225 -1.70 -9.06 5.03
CA GLN C 225 -2.35 -10.27 4.57
C GLN C 225 -1.41 -11.16 3.79
N LEU C 226 -0.50 -10.56 3.03
CA LEU C 226 0.49 -11.34 2.31
C LEU C 226 1.37 -12.16 3.25
N GLU C 227 1.58 -11.68 4.48
CA GLU C 227 2.45 -12.39 5.42
C GLU C 227 2.00 -13.83 5.70
N ALA C 228 0.69 -14.10 5.58
CA ALA C 228 0.18 -15.45 5.80
C ALA C 228 0.65 -16.41 4.69
N PHE C 229 0.84 -15.90 3.48
CA PHE C 229 1.43 -16.70 2.38
C PHE C 229 2.91 -16.98 2.59
N TYR C 230 3.61 -16.01 3.14
CA TYR C 230 5.03 -16.14 3.36
C TYR C 230 5.33 -16.95 4.61
N SER C 231 4.30 -17.50 5.22
CA SER C 231 4.47 -18.17 6.49
C SER C 231 4.18 -19.65 6.37
N ILE C 232 3.87 -20.09 5.14
CA ILE C 232 3.60 -21.50 4.83
C ILE C 232 4.87 -22.37 4.69
N PHE C 233 4.77 -23.60 5.18
CA PHE C 233 5.88 -24.51 5.07
C PHE C 233 5.54 -25.75 4.25
N THR C 234 6.57 -26.47 3.84
CA THR C 234 6.36 -27.73 3.18
C THR C 234 7.40 -28.71 3.66
N THR C 235 7.47 -29.87 3.02
CA THR C 235 8.54 -30.81 3.26
C THR C 235 9.23 -31.14 1.96
N GLU C 236 10.45 -31.61 2.10
CA GLU C 236 11.21 -32.04 0.98
C GLU C 236 11.91 -33.35 1.36
N GLN C 237 11.92 -34.31 0.45
CA GLN C 237 12.57 -35.57 0.77
C GLN C 237 13.66 -35.89 -0.24
N GLN C 238 14.84 -36.20 0.27
CA GLN C 238 15.97 -36.52 -0.58
C GLN C 238 16.77 -37.59 0.08
N ASP C 239 16.82 -38.74 -0.57
CA ASP C 239 17.75 -39.81 -0.22
C ASP C 239 17.78 -40.10 1.28
N HIS C 240 16.72 -40.73 1.75
CA HIS C 240 16.53 -41.16 3.14
C HIS C 240 16.52 -40.02 4.16
N VAL C 241 16.28 -38.79 3.72
CA VAL C 241 16.19 -37.67 4.64
C VAL C 241 14.98 -36.82 4.34
N LYS C 242 14.11 -36.64 5.32
CA LYS C 242 12.95 -35.78 5.11
C LYS C 242 13.17 -34.48 5.89
N SER C 243 12.91 -33.34 5.24
CA SER C 243 13.18 -32.04 5.86
C SER C 243 12.01 -31.06 5.71
N VAL C 244 11.81 -30.23 6.73
CA VAL C 244 10.83 -29.15 6.67
C VAL C 244 11.47 -27.92 6.04
N GLU C 245 10.78 -27.37 5.05
CA GLU C 245 11.33 -26.30 4.22
C GLU C 245 10.31 -25.17 4.12
N TYR C 246 10.77 -23.93 3.91
CA TYR C 246 9.84 -22.85 3.54
C TYR C 246 9.18 -23.18 2.20
N LEU C 247 7.87 -22.97 2.10
CA LEU C 247 7.17 -23.07 0.81
C LEU C 247 7.06 -21.65 0.22
N ARG C 248 7.94 -21.35 -0.74
CA ARG C 248 8.03 -20.01 -1.27
C ARG C 248 8.41 -20.08 -2.71
N ASN C 249 8.07 -19.02 -3.44
CA ASN C 249 8.37 -18.95 -4.87
C ASN C 249 7.87 -20.17 -5.63
N ASN C 250 6.67 -20.63 -5.29
CA ASN C 250 6.13 -21.86 -5.85
C ASN C 250 5.45 -21.65 -7.18
N PHE C 251 6.19 -21.11 -8.14
CA PHE C 251 5.67 -20.90 -9.49
C PHE C 251 6.51 -21.60 -10.55
N ARG C 252 5.90 -21.99 -11.66
CA ARG C 252 6.68 -22.57 -12.73
C ARG C 252 7.30 -21.47 -13.58
N PRO C 253 8.54 -21.68 -14.05
CA PRO C 253 9.11 -20.75 -15.03
C PRO C 253 8.21 -20.57 -16.25
N GLN C 254 8.26 -19.41 -16.88
CA GLN C 254 7.41 -19.17 -18.04
C GLN C 254 7.89 -19.96 -19.26
N GLN C 255 6.97 -20.29 -20.14
CA GLN C 255 7.23 -21.17 -21.27
C GLN C 255 7.10 -20.43 -22.59
N ARG C 256 7.83 -20.86 -23.61
CA ARG C 256 7.75 -20.21 -24.92
C ARG C 256 6.36 -20.37 -25.53
N LEU C 257 5.90 -19.32 -26.21
CA LEU C 257 4.59 -19.30 -26.82
C LEU C 257 4.53 -20.14 -28.11
N HIS C 258 5.64 -20.16 -28.84
CA HIS C 258 5.69 -20.79 -30.16
C HIS C 258 4.59 -20.30 -31.07
N ASP C 259 3.80 -21.24 -31.57
CA ASP C 259 2.81 -20.92 -32.60
C ASP C 259 1.51 -20.41 -32.02
N ARG C 260 1.47 -20.23 -30.71
CA ARG C 260 0.26 -19.83 -30.03
C ARG C 260 0.02 -18.33 -30.14
N VAL C 261 -1.25 -17.95 -30.11
CA VAL C 261 -1.61 -16.55 -30.08
C VAL C 261 -2.57 -16.25 -28.92
N VAL C 262 -2.30 -15.18 -28.19
CA VAL C 262 -3.14 -14.76 -27.08
C VAL C 262 -4.27 -13.86 -27.57
N SER C 263 -5.45 -14.05 -27.01
CA SER C 263 -6.61 -13.22 -27.35
C SER C 263 -7.10 -12.39 -26.16
N LYS C 264 -7.32 -11.10 -26.36
CA LYS C 264 -7.92 -10.26 -25.32
C LYS C 264 -9.35 -9.86 -25.70
N SER C 265 -10.21 -9.71 -24.69
CA SER C 265 -11.63 -9.47 -24.91
C SER C 265 -11.90 -8.06 -25.48
N PHE D 1 19.04 -53.34 1.75
CA PHE D 1 19.16 -52.39 2.85
C PHE D 1 20.58 -52.40 3.40
N LYS D 2 21.15 -53.59 3.45
CA LYS D 2 22.47 -53.81 4.00
C LYS D 2 23.54 -52.97 3.28
N THR D 3 23.53 -53.03 1.95
CA THR D 3 24.60 -52.42 1.18
C THR D 3 24.19 -51.25 0.28
N ARG D 4 22.90 -50.94 0.24
CA ARG D 4 22.39 -49.90 -0.64
C ARG D 4 22.90 -48.53 -0.21
N MET D 5 23.88 -48.01 -0.94
CA MET D 5 24.64 -46.82 -0.52
C MET D 5 23.83 -45.52 -0.40
N ARG D 6 23.84 -44.90 0.78
CA ARG D 6 23.16 -43.63 0.94
C ARG D 6 24.13 -42.48 0.68
N SER D 7 23.63 -41.37 0.18
CA SER D 7 24.52 -40.27 -0.17
C SER D 7 24.39 -39.10 0.79
N THR D 8 25.38 -38.24 0.72
CA THR D 8 25.47 -37.12 1.63
C THR D 8 24.31 -36.18 1.45
N VAL D 9 23.68 -35.86 2.57
CA VAL D 9 22.56 -34.96 2.59
C VAL D 9 22.93 -33.71 3.38
N SER D 10 22.73 -32.57 2.73
CA SER D 10 22.99 -31.29 3.35
C SER D 10 21.68 -30.74 3.92
N VAL D 11 21.72 -30.40 5.20
CA VAL D 11 20.57 -29.83 5.87
C VAL D 11 20.93 -28.48 6.47
N ARG D 12 19.93 -27.64 6.70
CA ARG D 12 20.16 -26.36 7.36
C ARG D 12 20.12 -26.47 8.88
N GLU D 13 20.90 -25.61 9.51
CA GLU D 13 20.79 -25.34 10.92
C GLU D 13 19.40 -24.79 11.25
N GLY D 14 18.80 -25.34 12.30
CA GLY D 14 17.51 -24.90 12.79
C GLY D 14 16.36 -25.65 12.15
N GLN D 15 16.66 -26.42 11.12
CA GLN D 15 15.60 -27.07 10.35
C GLN D 15 15.28 -28.43 10.98
N GLY D 16 14.04 -28.87 10.80
CA GLY D 16 13.62 -30.16 11.32
C GLY D 16 13.89 -31.22 10.27
N VAL D 17 14.25 -32.41 10.70
CA VAL D 17 14.80 -33.39 9.77
C VAL D 17 14.43 -34.81 10.19
N VAL D 18 14.07 -35.64 9.22
CA VAL D 18 13.87 -37.05 9.54
C VAL D 18 14.85 -37.93 8.78
N LEU D 19 15.58 -38.74 9.52
CA LEU D 19 16.50 -39.71 8.94
C LEU D 19 15.78 -41.06 8.80
N LEU D 20 15.42 -41.39 7.57
CA LEU D 20 14.70 -42.62 7.27
C LEU D 20 15.59 -43.86 7.38
N CYS D 21 15.03 -44.96 7.91
CA CYS D 21 15.80 -46.18 8.20
C CYS D 21 15.77 -47.15 7.03
N GLY D 22 14.59 -47.72 6.78
CA GLY D 22 14.41 -48.54 5.60
C GLY D 22 13.18 -49.41 5.71
N PRO D 23 13.35 -50.61 6.26
CA PRO D 23 12.24 -51.57 6.36
C PRO D 23 11.23 -51.18 7.45
N PRO D 24 9.93 -51.40 7.20
CA PRO D 24 8.85 -51.13 8.16
C PRO D 24 8.78 -52.18 9.27
N PRO D 25 8.10 -51.88 10.39
CA PRO D 25 8.09 -52.91 11.44
C PRO D 25 6.98 -53.94 11.29
N SER D 27 5.78 -57.21 11.20
CA SER D 27 4.86 -56.76 12.23
C SER D 27 5.37 -57.13 13.63
N GLY D 28 6.01 -56.17 14.31
CA GLY D 28 6.58 -56.43 15.61
C GLY D 28 7.77 -57.38 15.54
N GLU D 29 8.28 -57.57 14.33
CA GLU D 29 9.37 -58.50 14.12
C GLU D 29 10.72 -57.78 14.20
N LEU D 30 10.68 -56.48 13.95
CA LEU D 30 11.87 -55.64 13.85
C LEU D 30 11.87 -54.52 14.90
N SER D 31 13.00 -54.36 15.59
CA SER D 31 13.23 -53.26 16.52
C SER D 31 14.37 -52.41 15.98
N TYR D 32 14.42 -51.13 16.35
CA TYR D 32 15.32 -50.19 15.68
C TYR D 32 16.24 -49.42 16.62
N ALA D 33 17.43 -49.11 16.13
CA ALA D 33 18.38 -48.27 16.86
C ALA D 33 19.15 -47.44 15.86
N TRP D 34 19.70 -46.33 16.31
CA TRP D 34 20.51 -45.49 15.44
C TRP D 34 21.83 -45.23 16.13
N VAL D 35 22.93 -45.38 15.39
CA VAL D 35 24.23 -45.04 15.95
C VAL D 35 24.82 -43.82 15.28
N PHE D 36 25.62 -43.11 16.06
CA PHE D 36 26.30 -41.93 15.57
C PHE D 36 27.77 -42.26 15.33
N ASN D 37 28.20 -42.16 14.06
CA ASN D 37 29.56 -42.52 13.61
C ASN D 37 29.88 -43.97 13.94
N GLU D 38 30.91 -44.19 14.74
CA GLU D 38 31.35 -45.56 15.02
C GLU D 38 30.35 -46.34 15.85
N TYR D 39 29.91 -47.49 15.34
CA TYR D 39 29.06 -48.39 16.11
C TYR D 39 29.87 -49.01 17.26
N PRO D 40 29.26 -49.14 18.46
CA PRO D 40 27.85 -48.91 18.79
C PRO D 40 27.51 -47.61 19.52
N SER D 41 27.99 -46.46 19.06
CA SER D 41 27.62 -45.19 19.69
C SER D 41 26.17 -44.84 19.37
N PHE D 42 25.24 -45.31 20.19
CA PHE D 42 23.82 -45.09 19.95
C PHE D 42 23.49 -43.62 20.06
N VAL D 43 22.63 -43.13 19.18
CA VAL D 43 22.27 -41.71 19.19
C VAL D 43 21.69 -41.35 20.54
N GLU D 44 22.10 -40.20 21.07
CA GLU D 44 21.61 -39.78 22.38
C GLU D 44 20.24 -39.16 22.19
N GLU D 45 19.22 -39.80 22.75
CA GLU D 45 17.88 -39.30 22.61
C GLU D 45 17.55 -38.36 23.76
N ASP D 46 16.87 -37.28 23.40
CA ASP D 46 16.32 -36.34 24.36
C ASP D 46 15.08 -35.71 23.74
N SER D 47 14.76 -34.49 24.16
CA SER D 47 13.60 -33.77 23.66
C SER D 47 13.78 -33.39 22.21
N ARG D 48 15.03 -33.38 21.76
CA ARG D 48 15.34 -32.91 20.42
C ARG D 48 15.54 -34.06 19.42
N ARG D 49 15.82 -35.27 19.91
CA ARG D 49 16.07 -36.40 19.02
C ARG D 49 15.36 -37.65 19.50
N PHE D 50 14.63 -38.26 18.58
CA PHE D 50 13.66 -39.28 18.90
C PHE D 50 13.73 -40.41 17.91
N VAL D 51 13.68 -41.65 18.40
CA VAL D 51 13.61 -42.77 17.48
C VAL D 51 12.27 -43.45 17.63
N SER D 52 11.59 -43.67 16.51
CA SER D 52 10.30 -44.34 16.58
C SER D 52 10.48 -45.84 16.35
N GLN D 53 9.80 -46.66 17.16
CA GLN D 53 9.78 -48.10 16.93
C GLN D 53 8.68 -48.47 15.95
N GLU D 54 7.79 -47.51 15.67
CA GLU D 54 6.65 -47.74 14.81
C GLU D 54 7.02 -47.46 13.33
N THR D 55 8.01 -46.61 13.09
CA THR D 55 8.52 -46.36 11.73
C THR D 55 10.00 -46.68 11.57
N GLY D 56 10.74 -46.76 12.68
CA GLY D 56 12.16 -46.98 12.62
C GLY D 56 13.03 -45.75 12.36
N HIS D 57 12.41 -44.62 12.03
CA HIS D 57 13.18 -43.45 11.65
C HIS D 57 13.73 -42.71 12.85
N LEU D 58 14.75 -41.89 12.62
CA LEU D 58 15.27 -40.97 13.65
C LEU D 58 14.75 -39.55 13.38
N TYR D 59 14.17 -38.89 14.37
CA TYR D 59 13.59 -37.55 14.14
C TYR D 59 14.41 -36.52 14.89
N ILE D 60 14.91 -35.52 14.18
CA ILE D 60 15.66 -34.43 14.83
C ILE D 60 14.85 -33.15 14.70
N ALA D 61 14.39 -32.61 15.82
CA ALA D 61 13.42 -31.52 15.82
C ALA D 61 13.99 -30.21 15.25
N LYS D 62 15.27 -30.00 15.53
CA LYS D 62 15.96 -28.82 15.07
C LYS D 62 17.43 -29.16 14.98
N VAL D 63 17.98 -29.06 13.78
CA VAL D 63 19.38 -29.48 13.60
C VAL D 63 20.36 -28.47 14.19
N GLU D 64 21.39 -29.00 14.86
CA GLU D 64 22.48 -28.18 15.41
C GLU D 64 23.84 -28.69 14.94
N PRO D 65 24.88 -27.83 14.99
CA PRO D 65 26.22 -28.19 14.52
C PRO D 65 26.73 -29.55 15.03
N SER D 66 26.45 -29.87 16.27
CA SER D 66 26.87 -31.13 16.88
C SER D 66 26.32 -32.39 16.19
N ASP D 67 25.23 -32.23 15.43
CA ASP D 67 24.60 -33.32 14.67
C ASP D 67 25.33 -33.79 13.42
N VAL D 68 26.32 -33.03 12.99
CA VAL D 68 27.07 -33.37 11.80
C VAL D 68 27.86 -34.64 12.05
N GLY D 69 27.59 -35.68 11.26
CA GLY D 69 28.33 -36.93 11.31
C GLY D 69 27.65 -38.01 10.48
N ASN D 70 27.87 -39.26 10.82
CA ASN D 70 27.22 -40.36 10.11
C ASN D 70 26.21 -41.07 10.97
N TYR D 71 25.04 -41.31 10.38
CA TYR D 71 23.95 -41.97 11.07
C TYR D 71 23.67 -43.29 10.42
N THR D 72 23.62 -44.33 11.24
CA THR D 72 23.46 -45.67 10.73
C THR D 72 22.23 -46.26 11.37
N CYS D 73 21.34 -46.81 10.56
CA CYS D 73 20.23 -47.49 11.19
C CYS D 73 20.60 -48.93 11.46
N VAL D 74 20.29 -49.37 12.68
CA VAL D 74 20.49 -50.75 13.12
C VAL D 74 19.14 -51.47 13.34
N VAL D 75 18.84 -52.43 12.48
CA VAL D 75 17.62 -53.24 12.54
C VAL D 75 17.88 -54.59 13.25
N THR D 76 17.25 -54.82 14.39
CA THR D 76 17.38 -56.14 15.03
C THR D 76 16.09 -56.94 14.83
N SER D 77 16.21 -58.19 14.39
CA SER D 77 15.04 -59.01 14.11
C SER D 77 14.79 -59.98 15.26
N THR D 78 13.53 -60.28 15.52
CA THR D 78 13.24 -61.24 16.56
C THR D 78 13.48 -62.65 16.01
N VAL D 79 13.44 -62.79 14.69
CA VAL D 79 13.68 -64.09 14.07
C VAL D 79 15.18 -64.42 14.02
N THR D 80 15.91 -63.79 13.10
CA THR D 80 17.37 -63.91 13.05
C THR D 80 17.99 -62.99 14.09
N ASN D 81 18.62 -63.55 15.11
CA ASN D 81 19.08 -62.74 16.24
C ASN D 81 20.21 -61.74 15.93
N THR D 82 20.94 -61.98 14.83
CA THR D 82 21.95 -61.02 14.38
C THR D 82 21.34 -59.75 13.81
N ARG D 83 21.80 -58.62 14.33
CA ARG D 83 21.42 -57.31 13.87
C ARG D 83 21.96 -57.01 12.47
N VAL D 84 21.37 -56.01 11.81
CA VAL D 84 21.80 -55.59 10.48
C VAL D 84 22.00 -54.07 10.45
N LEU D 85 23.20 -53.65 10.02
CA LEU D 85 23.52 -52.23 9.88
C LEU D 85 23.32 -51.78 8.46
N GLY D 86 22.46 -50.78 8.26
CA GLY D 86 22.33 -50.19 6.94
C GLY D 86 23.55 -49.33 6.64
N SER D 87 23.72 -48.86 5.40
CA SER D 87 24.81 -47.93 5.17
C SER D 87 24.54 -46.66 5.93
N PRO D 88 25.61 -45.92 6.21
CA PRO D 88 25.43 -44.66 6.92
C PRO D 88 24.93 -43.57 5.99
N THR D 89 24.10 -42.70 6.52
CA THR D 89 23.79 -41.44 5.86
C THR D 89 24.60 -40.38 6.57
N PRO D 90 25.45 -39.68 5.81
CA PRO D 90 26.26 -38.54 6.27
C PRO D 90 25.43 -37.28 6.37
N LEU D 91 25.21 -36.74 7.56
CA LEU D 91 24.55 -35.45 7.71
C LEU D 91 25.57 -34.34 7.63
N VAL D 92 25.31 -33.36 6.79
CA VAL D 92 26.21 -32.22 6.63
C VAL D 92 25.40 -30.91 6.72
N LEU D 93 26.05 -29.84 7.17
CA LEU D 93 25.41 -28.52 7.29
C LEU D 93 25.57 -27.68 6.03
N ARG D 94 24.46 -27.11 5.56
CA ARG D 94 24.53 -26.14 4.48
C ARG D 94 25.18 -24.85 5.01
N SER D 95 25.84 -24.09 4.13
CA SER D 95 26.43 -22.82 4.55
C SER D 95 25.74 -21.64 3.89
N ASP D 96 24.58 -21.89 3.31
CA ASP D 96 23.78 -20.86 2.63
C ASP D 96 23.05 -19.95 3.60
N GLY D 97 22.91 -20.39 4.85
CA GLY D 97 22.08 -19.71 5.81
C GLY D 97 21.42 -20.65 6.81
N VAL D 98 20.76 -20.05 7.79
CA VAL D 98 20.14 -20.77 8.88
C VAL D 98 18.60 -20.74 8.76
N MET D 99 17.89 -21.70 9.33
CA MET D 99 16.42 -21.64 9.24
C MET D 99 15.89 -20.85 10.41
N GLY D 100 14.79 -20.14 10.18
CA GLY D 100 14.14 -19.34 11.20
C GLY D 100 13.29 -20.16 12.15
N GLU D 101 12.41 -19.48 12.88
CA GLU D 101 11.53 -20.19 13.79
C GLU D 101 10.17 -20.50 13.12
N TYR D 102 9.52 -21.56 13.60
CA TYR D 102 8.22 -21.98 13.08
C TYR D 102 7.50 -22.88 14.08
N GLU D 103 6.17 -22.96 13.97
CA GLU D 103 5.35 -23.78 14.86
C GLU D 103 5.67 -25.28 14.70
N PRO D 104 5.39 -26.07 15.74
CA PRO D 104 5.63 -27.52 15.74
C PRO D 104 4.93 -28.26 14.63
N LYS D 105 5.61 -29.20 13.99
CA LYS D 105 4.93 -30.11 13.05
C LYS D 105 5.05 -31.53 13.57
N ILE D 106 3.94 -32.13 13.91
CA ILE D 106 3.97 -33.47 14.44
C ILE D 106 4.27 -34.38 13.28
N GLU D 107 5.36 -35.11 13.38
CA GLU D 107 5.90 -35.85 12.25
C GLU D 107 5.72 -37.36 12.45
N VAL D 108 5.59 -37.81 13.70
CA VAL D 108 5.07 -39.15 14.01
C VAL D 108 4.04 -39.06 15.10
N GLN D 109 3.09 -39.99 15.05
CA GLN D 109 2.00 -40.05 16.01
C GLN D 109 1.25 -41.37 15.90
N PHE D 110 0.66 -41.81 16.99
CA PHE D 110 -0.28 -42.94 16.97
C PHE D 110 -1.42 -42.65 16.00
N PRO D 111 -2.03 -43.70 15.44
CA PRO D 111 -3.01 -43.49 14.37
C PRO D 111 -4.33 -42.95 14.90
N GLU D 112 -5.24 -42.57 14.01
CA GLU D 112 -6.51 -41.96 14.37
C GLU D 112 -7.36 -42.92 15.20
N THR D 113 -7.25 -44.21 14.92
CA THR D 113 -7.92 -45.22 15.74
C THR D 113 -6.96 -46.36 16.00
N LEU D 114 -6.75 -46.67 17.27
CA LEU D 114 -5.80 -47.69 17.65
C LEU D 114 -6.43 -48.85 18.41
N PRO D 115 -6.80 -49.93 17.71
CA PRO D 115 -7.30 -51.08 18.46
C PRO D 115 -6.15 -51.78 19.19
N ALA D 116 -6.45 -52.25 20.41
CA ALA D 116 -5.51 -53.03 21.22
C ALA D 116 -6.27 -54.08 22.03
N ALA D 117 -5.69 -55.26 22.16
CA ALA D 117 -6.24 -56.33 23.00
C ALA D 117 -6.12 -55.96 24.49
N LYS D 118 -7.03 -56.47 25.32
CA LYS D 118 -7.04 -56.12 26.74
C LYS D 118 -5.84 -56.68 27.48
N GLY D 119 -5.26 -55.87 28.37
CA GLY D 119 -4.15 -56.31 29.19
C GLY D 119 -2.82 -56.09 28.50
N SER D 120 -2.87 -55.78 27.22
CA SER D 120 -1.64 -55.52 26.49
C SER D 120 -1.11 -54.15 26.88
N THR D 121 0.20 -53.98 26.79
CA THR D 121 0.82 -52.69 27.06
C THR D 121 0.84 -51.93 25.75
N VAL D 122 0.15 -50.80 25.73
CA VAL D 122 0.06 -49.98 24.54
C VAL D 122 0.84 -48.69 24.72
N ARG D 123 1.65 -48.39 23.71
CA ARG D 123 2.54 -47.26 23.73
C ARG D 123 2.15 -46.32 22.62
N LEU D 124 1.85 -45.07 22.93
CA LEU D 124 1.52 -44.08 21.90
C LEU D 124 2.73 -43.18 21.67
N GLU D 125 3.12 -43.00 20.41
CA GLU D 125 4.21 -42.11 20.05
C GLU D 125 3.69 -40.73 19.64
N CYS D 126 4.48 -39.72 19.90
CA CYS D 126 4.17 -38.40 19.39
C CYS D 126 5.41 -37.51 19.45
N PHE D 127 5.90 -37.13 18.28
CA PHE D 127 7.06 -36.28 18.22
C PHE D 127 6.93 -35.26 17.09
N ALA D 128 7.40 -34.04 17.36
CA ALA D 128 7.26 -32.93 16.45
C ALA D 128 8.62 -32.37 15.98
N LEU D 129 8.67 -31.85 14.76
CA LEU D 129 9.81 -31.06 14.32
C LEU D 129 9.42 -29.64 14.64
N GLY D 130 10.39 -28.81 14.99
CA GLY D 130 10.04 -27.43 15.25
C GLY D 130 11.16 -26.68 15.89
N ASN D 131 11.13 -25.37 15.68
CA ASN D 131 12.14 -24.46 16.16
C ASN D 131 11.51 -23.24 16.80
N PRO D 132 11.67 -23.05 18.12
CA PRO D 132 12.34 -23.90 19.12
C PRO D 132 11.83 -25.33 19.20
N VAL D 133 12.67 -26.19 19.75
CA VAL D 133 12.30 -27.55 20.09
C VAL D 133 10.99 -27.52 20.85
N PRO D 134 9.94 -28.16 20.30
CA PRO D 134 8.62 -28.22 20.94
C PRO D 134 8.59 -28.94 22.28
N GLN D 135 7.62 -28.56 23.11
CA GLN D 135 7.28 -29.32 24.30
C GLN D 135 6.10 -30.21 23.96
N ILE D 136 6.10 -31.43 24.50
CA ILE D 136 4.99 -32.36 24.24
C ILE D 136 4.22 -32.59 25.54
N ASN D 137 2.89 -32.62 25.43
CA ASN D 137 2.00 -32.81 26.57
C ASN D 137 0.87 -33.75 26.17
N TRP D 138 0.36 -34.50 27.14
CA TRP D 138 -0.68 -35.46 26.84
C TRP D 138 -1.90 -35.24 27.71
N ARG D 139 -3.08 -35.55 27.17
CA ARG D 139 -4.33 -35.48 27.92
C ARG D 139 -5.42 -36.31 27.24
N ARG D 140 -6.44 -36.69 28.01
CA ARG D 140 -7.65 -37.25 27.42
C ARG D 140 -8.54 -36.11 26.87
N SER D 141 -9.18 -36.37 25.73
CA SER D 141 -10.13 -35.41 25.17
C SER D 141 -11.23 -35.00 26.14
N ASP D 142 -11.80 -35.96 26.87
CA ASP D 142 -12.91 -35.72 27.81
C ASP D 142 -12.52 -35.02 29.12
N GLY D 143 -11.22 -34.93 29.40
CA GLY D 143 -10.73 -34.23 30.58
C GLY D 143 -10.52 -35.08 31.82
N MET D 144 -10.83 -36.36 31.71
CA MET D 144 -10.58 -37.30 32.81
C MET D 144 -9.09 -37.40 33.04
N PRO D 145 -8.67 -37.36 34.30
CA PRO D 145 -7.26 -37.59 34.67
C PRO D 145 -6.83 -38.96 34.23
N PHE D 146 -5.63 -39.09 33.68
CA PHE D 146 -4.98 -40.38 33.50
C PHE D 146 -4.89 -41.11 34.84
N PRO D 147 -5.22 -42.41 34.87
CA PRO D 147 -4.90 -43.15 36.11
C PRO D 147 -3.37 -43.23 36.31
N ASN D 148 -2.94 -43.49 37.55
CA ASN D 148 -1.53 -43.44 37.92
C ASN D 148 -0.59 -44.32 37.10
N LYS D 149 -1.15 -45.34 36.47
CA LYS D 149 -0.37 -46.36 35.77
C LYS D 149 0.16 -45.86 34.42
N ILE D 150 -0.52 -44.87 33.86
CA ILE D 150 -0.06 -44.26 32.62
C ILE D 150 1.20 -43.39 32.86
N LYS D 151 2.27 -43.72 32.14
CA LYS D 151 3.54 -43.04 32.29
C LYS D 151 3.90 -42.21 31.05
N LEU D 152 4.60 -41.11 31.27
CA LEU D 152 5.22 -40.38 30.19
C LEU D 152 6.65 -40.90 30.00
N ARG D 153 6.95 -41.39 28.81
CA ARG D 153 8.27 -41.95 28.52
C ARG D 153 8.94 -41.19 27.38
N LYS D 154 10.20 -41.52 27.13
CA LYS D 154 11.00 -40.94 26.04
C LYS D 154 10.87 -39.42 25.90
N PHE D 155 11.09 -38.71 27.01
CA PHE D 155 11.02 -37.25 27.07
C PHE D 155 9.70 -36.71 26.50
N ASN D 156 8.61 -37.36 26.90
CA ASN D 156 7.21 -37.02 26.61
C ASN D 156 6.83 -37.42 25.20
N GLY D 157 7.76 -38.06 24.50
CA GLY D 157 7.49 -38.49 23.14
C GLY D 157 6.71 -39.79 23.05
N MET D 158 6.56 -40.48 24.18
CA MET D 158 5.71 -41.65 24.24
C MET D 158 4.88 -41.66 25.51
N LEU D 159 3.60 -42.01 25.35
CA LEU D 159 2.68 -42.26 26.46
C LEU D 159 2.51 -43.79 26.63
N GLU D 160 2.95 -44.34 27.76
CA GLU D 160 2.86 -45.78 27.97
C GLU D 160 1.65 -46.19 28.82
N ILE D 161 0.75 -46.98 28.26
CA ILE D 161 -0.45 -47.42 28.97
C ILE D 161 -0.38 -48.91 29.30
N GLN D 162 0.02 -49.22 30.52
CA GLN D 162 0.07 -50.61 30.95
C GLN D 162 -1.31 -51.19 31.25
N ASN D 163 -1.40 -52.51 31.14
CA ASN D 163 -2.61 -53.26 31.43
C ASN D 163 -3.87 -52.60 30.85
N PHE D 164 -3.87 -52.35 29.54
CA PHE D 164 -5.01 -51.73 28.85
C PHE D 164 -6.31 -52.46 29.14
N GLN D 165 -7.30 -51.72 29.63
CA GLN D 165 -8.64 -52.25 29.93
C GLN D 165 -9.72 -51.33 29.34
N GLN D 166 -10.99 -51.76 29.41
CA GLN D 166 -12.12 -50.93 28.99
C GLN D 166 -12.01 -49.46 29.44
N GLU D 167 -11.68 -49.26 30.71
CA GLU D 167 -11.62 -47.92 31.30
C GLU D 167 -10.61 -47.00 30.65
N ASP D 168 -9.70 -47.57 29.88
CA ASP D 168 -8.64 -46.80 29.22
C ASP D 168 -8.99 -46.44 27.76
N THR D 169 -10.15 -46.85 27.28
CA THR D 169 -10.49 -46.48 25.91
C THR D 169 -10.88 -45.00 25.80
N GLY D 170 -10.96 -44.50 24.57
CA GLY D 170 -11.34 -43.14 24.32
C GLY D 170 -10.27 -42.34 23.58
N SER D 171 -10.62 -41.10 23.27
CA SER D 171 -9.75 -40.17 22.58
C SER D 171 -8.55 -39.69 23.44
N TYR D 172 -7.34 -39.93 22.93
CA TYR D 172 -6.13 -39.41 23.54
C TYR D 172 -5.55 -38.32 22.68
N GLU D 173 -4.86 -37.37 23.30
CA GLU D 173 -4.35 -36.22 22.56
C GLU D 173 -2.94 -35.93 22.92
N CYS D 174 -2.15 -35.69 21.88
CA CYS D 174 -0.80 -35.18 22.05
C CYS D 174 -0.78 -33.69 21.64
N ILE D 175 -0.21 -32.83 22.46
CA ILE D 175 -0.09 -31.43 22.10
C ILE D 175 1.37 -31.02 22.02
N ALA D 176 1.75 -30.48 20.87
CA ALA D 176 3.11 -30.01 20.63
C ALA D 176 3.15 -28.48 20.45
N GLU D 177 3.98 -27.82 21.23
CA GLU D 177 3.99 -26.36 21.21
C GLU D 177 5.33 -25.76 21.50
N ASN D 178 5.58 -24.63 20.85
CA ASN D 178 6.74 -23.81 21.14
C ASN D 178 6.27 -22.36 21.17
N SER D 179 7.21 -21.43 21.11
CA SER D 179 6.86 -20.01 21.15
C SER D 179 6.06 -19.61 19.92
N ARG D 180 6.12 -20.42 18.87
CA ARG D 180 5.52 -20.00 17.62
C ARG D 180 4.11 -20.52 17.41
N GLY D 181 3.71 -21.53 18.19
CA GLY D 181 2.35 -22.02 18.13
C GLY D 181 2.15 -23.42 18.67
N LYS D 182 0.98 -23.99 18.38
CA LYS D 182 0.61 -25.34 18.76
C LYS D 182 0.23 -26.21 17.57
N ASN D 183 0.29 -27.51 17.77
CA ASN D 183 -0.33 -28.47 16.90
C ASN D 183 -0.69 -29.73 17.71
N VAL D 184 -1.84 -30.31 17.40
CA VAL D 184 -2.33 -31.44 18.15
C VAL D 184 -2.54 -32.65 17.25
N ALA D 185 -2.33 -33.83 17.81
CA ALA D 185 -2.65 -35.09 17.16
C ALA D 185 -3.62 -35.85 18.05
N ARG D 186 -4.69 -36.37 17.43
CA ARG D 186 -5.73 -37.08 18.16
C ARG D 186 -5.93 -38.49 17.62
N GLY D 187 -6.20 -39.41 18.54
CA GLY D 187 -6.63 -40.75 18.15
C GLY D 187 -7.46 -41.38 19.24
N ARG D 188 -8.32 -42.32 18.85
CA ARG D 188 -9.12 -43.05 19.81
C ARG D 188 -8.60 -44.45 19.97
N LEU D 189 -8.40 -44.83 21.22
CA LEU D 189 -8.01 -46.17 21.58
C LEU D 189 -9.24 -47.04 21.78
N THR D 190 -9.28 -48.20 21.13
CA THR D 190 -10.42 -49.09 21.24
C THR D 190 -9.87 -50.47 21.61
N TYR D 191 -10.74 -51.48 21.65
CA TYR D 191 -10.26 -52.85 21.92
C TYR D 191 -11.05 -53.91 21.17
N TYR D 192 -10.46 -55.09 21.03
CA TYR D 192 -11.11 -56.18 20.32
C TYR D 192 -12.14 -56.89 21.19
N ALA D 193 -13.19 -57.40 20.56
CA ALA D 193 -14.10 -58.32 21.21
C ALA D 193 -13.95 -59.66 20.51
#